data_2WWR
#
_entry.id   2WWR
#
_cell.length_a   67.356
_cell.length_b   116.080
_cell.length_c   198.230
_cell.angle_alpha   90.00
_cell.angle_beta   90.00
_cell.angle_gamma   90.00
#
_symmetry.space_group_name_H-M   'P 21 21 21'
#
loop_
_entity.id
_entity.type
_entity.pdbx_description
1 polymer 'GLYOXYLATE REDUCTASE/HYDROXYPYRUVATE REDUCTASE'
2 non-polymer 'MAGNESIUM ION'
3 water water
#
_entity_poly.entity_id   1
_entity_poly.type   'polypeptide(L)'
_entity_poly.pdbx_seq_one_letter_code
;ASMRPVRLMKVFVTRRIPAEGRVALARAADCEVEQWDSDEPIPAKELERGVAGAHGLLCLLSDHVDKRILDAAGANLKVI
STMSVGIDHLALDEIKKRGIRVGYTPDVLTDTTAELAVSLLLTTCRRLPEAIEEVKNGGWTSWKPLWLCGYGLTQSTVGI
IGLGRIGQAIARRLKPFGVQRFLYTGRQPRPEEAAEFQAEFVSTPELAAQSDFIVVACSLTPATEGLCNKDFFQKMKETA
VFINISRGDVVNQDDLYQALASGKIAAAGLDVTSPEPLPTNHPLLTLKNCVILPHIGSATHRTRNTMSLLAANNLLAGLR
GEPMPSELKL
;
_entity_poly.pdbx_strand_id   A,B,C,D
#
# COMPACT_ATOMS: atom_id res chain seq x y z
N LEU A 8 14.13 -25.86 -50.16
CA LEU A 8 14.01 -24.85 -49.05
C LEU A 8 14.31 -23.43 -49.50
N MET A 9 13.35 -22.55 -49.31
CA MET A 9 13.48 -21.17 -49.77
C MET A 9 14.11 -20.32 -48.67
N LYS A 10 15.08 -19.49 -49.06
CA LYS A 10 15.76 -18.62 -48.10
C LYS A 10 14.92 -17.38 -47.79
N VAL A 11 14.94 -16.97 -46.52
CA VAL A 11 14.22 -15.79 -46.05
C VAL A 11 15.15 -14.92 -45.23
N PHE A 12 15.11 -13.61 -45.43
CA PHE A 12 15.92 -12.72 -44.62
C PHE A 12 15.09 -11.70 -43.84
N VAL A 13 15.36 -11.59 -42.54
CA VAL A 13 14.64 -10.66 -41.69
C VAL A 13 15.61 -9.59 -41.21
N THR A 14 15.26 -8.33 -41.50
CA THR A 14 16.18 -7.22 -41.32
C THR A 14 16.34 -6.78 -39.85
N ARG A 15 15.53 -7.36 -38.97
CA ARG A 15 15.53 -6.97 -37.57
C ARG A 15 14.88 -8.05 -36.71
N ARG A 16 15.20 -8.04 -35.41
CA ARG A 16 14.46 -8.84 -34.44
C ARG A 16 13.04 -8.29 -34.37
N ILE A 17 12.08 -9.09 -34.83
CA ILE A 17 10.67 -8.69 -34.85
C ILE A 17 9.96 -9.31 -33.65
N PRO A 18 8.76 -8.81 -33.30
CA PRO A 18 7.95 -9.41 -32.24
C PRO A 18 7.73 -10.91 -32.39
N ALA A 19 7.69 -11.62 -31.26
CA ALA A 19 7.58 -13.09 -31.18
C ALA A 19 6.52 -13.72 -32.08
N GLU A 20 5.33 -13.13 -32.10
CA GLU A 20 4.22 -13.67 -32.88
C GLU A 20 4.61 -13.85 -34.34
N GLY A 21 5.39 -12.91 -34.86
CA GLY A 21 5.94 -12.99 -36.21
C GLY A 21 7.13 -13.92 -36.30
N ARG A 22 8.03 -13.80 -35.33
CA ARG A 22 9.20 -14.68 -35.21
C ARG A 22 8.79 -16.16 -35.32
N VAL A 23 7.74 -16.54 -34.59
CA VAL A 23 7.28 -17.94 -34.50
C VAL A 23 6.61 -18.43 -35.78
N ALA A 24 5.81 -17.56 -36.40
CA ALA A 24 5.13 -17.88 -37.66
C ALA A 24 6.11 -18.36 -38.73
N LEU A 25 7.27 -17.70 -38.81
CA LEU A 25 8.30 -18.03 -39.78
C LEU A 25 9.04 -19.29 -39.34
N ALA A 26 9.08 -19.52 -38.04
CA ALA A 26 9.78 -20.66 -37.46
C ALA A 26 9.06 -21.98 -37.73
N ARG A 27 7.73 -21.94 -37.74
CA ARG A 27 6.92 -23.14 -37.94
C ARG A 27 6.79 -23.53 -39.41
N ALA A 28 7.35 -22.72 -40.31
CA ALA A 28 7.28 -22.97 -41.75
C ALA A 28 8.34 -23.98 -42.25
N ALA A 29 7.89 -25.18 -42.60
CA ALA A 29 8.76 -26.26 -43.07
C ALA A 29 9.41 -25.94 -44.41
N ASP A 30 8.96 -24.85 -45.01
CA ASP A 30 9.33 -24.43 -46.36
C ASP A 30 10.64 -23.65 -46.45
N CYS A 31 10.99 -22.97 -45.36
CA CYS A 31 11.99 -21.90 -45.41
C CYS A 31 13.15 -22.06 -44.44
N GLU A 32 14.33 -21.61 -44.86
CA GLU A 32 15.43 -21.38 -43.94
C GLU A 32 15.40 -19.89 -43.63
N VAL A 33 15.09 -19.56 -42.38
CA VAL A 33 14.99 -18.15 -41.98
C VAL A 33 16.33 -17.65 -41.43
N GLU A 34 16.87 -16.61 -42.06
CA GLU A 34 18.07 -15.94 -41.58
C GLU A 34 17.70 -14.55 -41.03
N GLN A 35 18.38 -14.11 -39.99
CA GLN A 35 17.91 -12.97 -39.21
C GLN A 35 19.02 -12.03 -38.75
N TRP A 36 18.78 -10.73 -38.89
CA TRP A 36 19.65 -9.73 -38.26
C TRP A 36 19.21 -9.57 -36.79
N ASP A 37 19.78 -10.40 -35.91
CA ASP A 37 19.30 -10.48 -34.54
C ASP A 37 19.71 -9.25 -33.71
N SER A 38 18.98 -8.17 -33.88
CA SER A 38 19.20 -6.93 -33.14
C SER A 38 17.98 -6.00 -33.22
N ASP A 39 17.83 -5.12 -32.22
CA ASP A 39 16.86 -4.03 -32.31
C ASP A 39 17.45 -2.80 -33.01
N GLU A 40 18.77 -2.79 -33.18
CA GLU A 40 19.43 -1.78 -34.00
C GLU A 40 19.26 -2.10 -35.47
N PRO A 41 19.06 -1.06 -36.31
CA PRO A 41 18.81 -1.32 -37.72
C PRO A 41 20.07 -1.83 -38.42
N ILE A 42 19.88 -2.62 -39.46
CA ILE A 42 20.98 -3.20 -40.22
C ILE A 42 21.63 -2.16 -41.16
N PRO A 43 22.95 -1.96 -41.05
CA PRO A 43 23.63 -1.10 -42.04
C PRO A 43 23.50 -1.65 -43.45
N ALA A 44 23.43 -0.75 -44.44
CA ALA A 44 23.25 -1.12 -45.86
C ALA A 44 24.23 -2.17 -46.39
N LYS A 45 25.51 -2.07 -46.00
CA LYS A 45 26.50 -3.07 -46.41
C LYS A 45 26.07 -4.47 -45.99
N GLU A 46 25.66 -4.61 -44.73
CA GLU A 46 25.27 -5.90 -44.19
C GLU A 46 23.97 -6.43 -44.79
N LEU A 47 23.06 -5.52 -45.14
CA LEU A 47 21.81 -5.88 -45.80
C LEU A 47 22.06 -6.56 -47.14
N GLU A 48 23.02 -6.03 -47.91
CA GLU A 48 23.41 -6.60 -49.20
C GLU A 48 23.94 -8.01 -49.05
N ARG A 49 24.75 -8.23 -48.02
CA ARG A 49 25.31 -9.54 -47.73
C ARG A 49 24.19 -10.52 -47.31
N GLY A 50 23.24 -10.02 -46.53
CA GLY A 50 22.14 -10.82 -45.99
C GLY A 50 21.10 -11.29 -47.01
N VAL A 51 20.72 -10.43 -47.95
CA VAL A 51 19.67 -10.80 -48.91
C VAL A 51 20.14 -11.65 -50.09
N ALA A 52 21.44 -11.91 -50.16
CA ALA A 52 22.02 -12.64 -51.29
C ALA A 52 21.29 -13.97 -51.59
N GLY A 53 20.65 -14.05 -52.75
CA GLY A 53 19.97 -15.27 -53.16
C GLY A 53 18.79 -15.66 -52.29
N ALA A 54 18.14 -14.66 -51.69
CA ALA A 54 16.98 -14.89 -50.82
C ALA A 54 15.70 -14.84 -51.64
N HIS A 55 14.79 -15.77 -51.36
CA HIS A 55 13.49 -15.81 -52.03
C HIS A 55 12.54 -14.74 -51.49
N GLY A 56 12.64 -14.47 -50.20
CA GLY A 56 11.80 -13.48 -49.54
C GLY A 56 12.53 -12.57 -48.57
N LEU A 57 12.05 -11.33 -48.47
CA LEU A 57 12.64 -10.34 -47.57
C LEU A 57 11.58 -9.74 -46.63
N LEU A 58 11.78 -9.94 -45.33
CA LEU A 58 10.96 -9.25 -44.34
C LEU A 58 11.74 -8.06 -43.79
N CYS A 59 11.21 -6.87 -44.05
CA CYS A 59 11.92 -5.64 -43.76
C CYS A 59 11.07 -4.64 -43.00
N LEU A 60 11.74 -3.58 -42.54
CA LEU A 60 11.13 -2.51 -41.78
C LEU A 60 11.33 -1.20 -42.53
N LEU A 61 10.58 -0.17 -42.12
CA LEU A 61 10.59 1.14 -42.77
C LEU A 61 11.95 1.84 -42.69
N SER A 62 12.84 1.29 -41.88
CA SER A 62 14.20 1.82 -41.74
C SER A 62 15.10 1.39 -42.90
N ASP A 63 14.72 0.33 -43.60
CA ASP A 63 15.59 -0.27 -44.61
C ASP A 63 15.22 0.18 -46.00
N HIS A 64 16.12 0.94 -46.64
CA HIS A 64 15.87 1.45 -47.97
C HIS A 64 16.12 0.35 -48.97
N VAL A 65 15.02 -0.21 -49.48
CA VAL A 65 15.07 -1.32 -50.41
C VAL A 65 15.03 -0.78 -51.85
N ASP A 66 16.21 -0.48 -52.38
CA ASP A 66 16.37 0.11 -53.71
C ASP A 66 16.97 -0.90 -54.71
N LYS A 67 17.28 -0.44 -55.92
CA LYS A 67 17.84 -1.33 -56.96
C LYS A 67 19.11 -2.06 -56.52
N ARG A 68 19.99 -1.35 -55.82
CA ARG A 68 21.26 -1.92 -55.37
C ARG A 68 21.06 -3.14 -54.47
N ILE A 69 20.02 -3.11 -53.65
CA ILE A 69 19.73 -4.23 -52.77
C ILE A 69 19.01 -5.35 -53.53
N LEU A 70 18.12 -4.98 -54.45
CA LEU A 70 17.46 -5.95 -55.31
C LEU A 70 18.48 -6.72 -56.12
N ASP A 71 19.53 -6.02 -56.56
CA ASP A 71 20.67 -6.63 -57.25
C ASP A 71 21.47 -7.58 -56.35
N ALA A 72 21.68 -7.18 -55.10
CA ALA A 72 22.37 -8.04 -54.15
C ALA A 72 21.60 -9.35 -53.94
N ALA A 73 20.27 -9.25 -53.90
CA ALA A 73 19.41 -10.41 -53.73
C ALA A 73 19.45 -11.32 -54.97
N GLY A 74 19.30 -10.70 -56.15
CA GLY A 74 19.27 -11.45 -57.40
C GLY A 74 17.91 -12.04 -57.74
N ALA A 75 17.93 -13.05 -58.60
CA ALA A 75 16.73 -13.62 -59.22
C ALA A 75 15.76 -14.28 -58.25
N ASN A 76 16.26 -15.09 -57.32
CA ASN A 76 15.41 -15.80 -56.34
C ASN A 76 14.26 -14.96 -55.77
N LEU A 77 14.55 -13.71 -55.46
CA LEU A 77 13.65 -12.84 -54.71
C LEU A 77 12.32 -12.62 -55.41
N LYS A 78 11.24 -13.01 -54.74
CA LYS A 78 9.89 -12.79 -55.27
C LYS A 78 8.94 -12.02 -54.34
N VAL A 79 9.21 -12.04 -53.04
CA VAL A 79 8.38 -11.26 -52.11
C VAL A 79 9.17 -10.36 -51.17
N ILE A 80 8.68 -9.13 -51.01
CA ILE A 80 9.17 -8.20 -50.01
C ILE A 80 7.99 -7.85 -49.10
N SER A 81 8.07 -8.27 -47.84
CA SER A 81 7.03 -7.96 -46.87
C SER A 81 7.54 -6.91 -45.86
N THR A 82 6.88 -5.75 -45.85
CA THR A 82 7.27 -4.70 -44.92
C THR A 82 6.32 -4.60 -43.71
N MET A 83 6.92 -4.62 -42.52
CA MET A 83 6.18 -4.49 -41.27
C MET A 83 5.81 -3.02 -41.02
N SER A 84 5.07 -2.44 -41.96
CA SER A 84 4.57 -1.07 -41.88
C SER A 84 3.42 -0.85 -42.87
N VAL A 85 2.72 0.27 -42.71
CA VAL A 85 1.72 0.73 -43.67
C VAL A 85 2.38 1.73 -44.64
N GLY A 86 3.40 2.43 -44.15
CA GLY A 86 4.21 3.32 -44.97
C GLY A 86 5.06 2.53 -45.95
N ILE A 87 5.26 3.10 -47.13
CA ILE A 87 5.84 2.35 -48.24
C ILE A 87 7.01 3.06 -48.94
N ASP A 88 7.26 4.31 -48.54
CA ASP A 88 8.25 5.19 -49.17
C ASP A 88 9.70 4.69 -49.11
N HIS A 89 9.99 3.73 -48.24
CA HIS A 89 11.33 3.16 -48.19
C HIS A 89 11.56 2.13 -49.29
N LEU A 90 10.50 1.80 -50.03
CA LEU A 90 10.59 0.80 -51.09
C LEU A 90 10.69 1.45 -52.48
N ALA A 91 11.53 0.87 -53.33
CA ALA A 91 11.69 1.36 -54.70
C ALA A 91 10.62 0.72 -55.58
N LEU A 92 9.38 1.10 -55.33
CA LEU A 92 8.21 0.52 -55.97
C LEU A 92 8.33 0.30 -57.49
N ASP A 93 8.84 1.30 -58.19
CA ASP A 93 8.98 1.23 -59.65
C ASP A 93 9.86 0.06 -60.10
N GLU A 94 10.97 -0.16 -59.41
CA GLU A 94 11.94 -1.20 -59.79
C GLU A 94 11.45 -2.57 -59.34
N ILE A 95 10.85 -2.61 -58.15
CA ILE A 95 10.21 -3.81 -57.60
C ILE A 95 9.15 -4.36 -58.57
N LYS A 96 8.32 -3.47 -59.10
CA LYS A 96 7.31 -3.84 -60.10
C LYS A 96 7.92 -4.33 -61.41
N LYS A 97 8.98 -3.66 -61.87
CA LYS A 97 9.65 -4.05 -63.12
C LYS A 97 10.22 -5.47 -63.05
N ARG A 98 10.56 -5.93 -61.85
CA ARG A 98 11.15 -7.26 -61.65
C ARG A 98 10.11 -8.33 -61.28
N GLY A 99 8.84 -7.93 -61.21
CA GLY A 99 7.73 -8.83 -60.90
C GLY A 99 7.69 -9.33 -59.47
N ILE A 100 8.11 -8.47 -58.55
CA ILE A 100 8.15 -8.82 -57.12
C ILE A 100 6.90 -8.34 -56.39
N ARG A 101 6.27 -9.25 -55.65
CA ARG A 101 5.05 -8.96 -54.89
C ARG A 101 5.35 -8.27 -53.56
N VAL A 102 4.56 -7.25 -53.22
CA VAL A 102 4.79 -6.47 -51.99
C VAL A 102 3.69 -6.62 -50.92
N GLY A 103 4.11 -7.00 -49.73
CA GLY A 103 3.22 -7.01 -48.56
C GLY A 103 3.44 -5.80 -47.68
N TYR A 104 2.35 -5.34 -47.07
CA TYR A 104 2.39 -4.25 -46.11
C TYR A 104 1.31 -4.43 -45.05
N THR A 105 1.31 -3.58 -44.02
CA THR A 105 0.40 -3.78 -42.88
C THR A 105 -0.53 -2.60 -42.63
N PRO A 106 -1.59 -2.48 -43.43
CA PRO A 106 -2.61 -1.49 -43.14
C PRO A 106 -3.65 -2.02 -42.15
N ASP A 107 -4.61 -1.16 -41.81
CA ASP A 107 -5.79 -1.52 -40.99
C ASP A 107 -5.48 -1.94 -39.54
N VAL A 108 -4.67 -2.99 -39.41
CA VAL A 108 -4.24 -3.54 -38.13
C VAL A 108 -3.65 -2.53 -37.13
N LEU A 109 -3.25 -1.36 -37.60
CA LEU A 109 -2.67 -0.32 -36.74
C LEU A 109 -3.44 1.01 -36.76
N THR A 110 -4.62 1.00 -37.35
CA THR A 110 -5.46 2.20 -37.45
C THR A 110 -5.77 2.85 -36.10
N ASP A 111 -6.47 2.09 -35.25
CA ASP A 111 -6.94 2.58 -33.96
C ASP A 111 -5.79 3.06 -33.09
N THR A 112 -4.75 2.24 -32.97
CA THR A 112 -3.55 2.58 -32.20
C THR A 112 -2.87 3.88 -32.65
N THR A 113 -2.73 4.06 -33.96
CA THR A 113 -2.19 5.31 -34.51
C THR A 113 -3.15 6.48 -34.25
N ALA A 114 -4.43 6.27 -34.55
CA ALA A 114 -5.46 7.25 -34.25
C ALA A 114 -5.33 7.70 -32.80
N GLU A 115 -5.28 6.71 -31.91
CA GLU A 115 -5.21 6.89 -30.46
C GLU A 115 -4.02 7.79 -30.08
N LEU A 116 -2.92 7.61 -30.79
CA LEU A 116 -1.73 8.40 -30.51
C LEU A 116 -1.82 9.82 -31.07
N ALA A 117 -2.37 9.97 -32.27
CA ALA A 117 -2.59 11.29 -32.85
C ALA A 117 -3.33 12.20 -31.86
N VAL A 118 -4.41 11.68 -31.28
CA VAL A 118 -5.19 12.38 -30.26
C VAL A 118 -4.37 12.62 -28.99
N SER A 119 -3.59 11.63 -28.58
CA SER A 119 -2.70 11.73 -27.42
C SER A 119 -1.73 12.89 -27.58
N LEU A 120 -1.15 12.98 -28.78
CA LEU A 120 -0.21 14.04 -29.10
C LEU A 120 -0.93 15.37 -29.16
N LEU A 121 -2.07 15.42 -29.85
CA LEU A 121 -2.86 16.63 -29.94
C LEU A 121 -3.20 17.18 -28.55
N LEU A 122 -3.70 16.30 -27.68
CA LEU A 122 -4.21 16.71 -26.38
C LEU A 122 -3.11 17.16 -25.44
N THR A 123 -1.98 16.46 -25.51
CA THR A 123 -0.84 16.76 -24.64
C THR A 123 -0.18 18.08 -25.04
N THR A 124 -0.28 18.40 -26.33
CA THR A 124 0.28 19.63 -26.90
C THR A 124 -0.59 20.83 -26.55
N CYS A 125 -1.88 20.73 -26.83
CA CYS A 125 -2.80 21.86 -26.68
C CYS A 125 -3.06 22.25 -25.22
N ARG A 126 -2.99 21.26 -24.33
CA ARG A 126 -3.20 21.48 -22.91
C ARG A 126 -1.91 21.70 -22.14
N ARG A 127 -0.80 21.82 -22.89
CA ARG A 127 0.50 22.26 -22.36
C ARG A 127 1.09 21.33 -21.28
N LEU A 128 0.90 20.03 -21.49
CA LEU A 128 1.30 19.01 -20.52
C LEU A 128 2.79 18.93 -20.21
N PRO A 129 3.66 18.88 -21.25
CA PRO A 129 5.10 18.83 -20.96
C PRO A 129 5.57 20.06 -20.19
N GLU A 130 5.17 21.23 -20.66
CA GLU A 130 5.39 22.50 -19.96
C GLU A 130 4.98 22.40 -18.50
N ALA A 131 3.80 21.83 -18.27
CA ALA A 131 3.25 21.72 -16.92
C ALA A 131 3.99 20.69 -16.06
N ILE A 132 4.35 19.56 -16.66
CA ILE A 132 5.10 18.52 -15.96
C ILE A 132 6.43 19.10 -15.47
N GLU A 133 7.06 19.92 -16.30
CA GLU A 133 8.34 20.55 -15.98
C GLU A 133 8.20 21.62 -14.91
N GLU A 134 7.04 22.28 -14.84
CA GLU A 134 6.79 23.32 -13.83
C GLU A 134 6.67 22.76 -12.42
N VAL A 135 6.14 21.54 -12.28
CA VAL A 135 6.08 20.88 -10.96
C VAL A 135 7.47 20.46 -10.51
N LYS A 136 8.34 20.12 -11.45
CA LYS A 136 9.69 19.64 -11.13
C LYS A 136 10.68 20.75 -10.75
N ASN A 137 10.59 21.90 -11.40
CA ASN A 137 11.54 22.99 -11.17
C ASN A 137 11.07 24.10 -10.21
N GLY A 138 9.96 23.84 -9.51
CA GLY A 138 9.46 24.77 -8.49
C GLY A 138 8.64 25.94 -9.00
N GLY A 139 8.21 25.89 -10.25
CA GLY A 139 7.34 26.91 -10.82
C GLY A 139 5.94 26.85 -10.26
N TRP A 140 5.50 25.66 -9.84
CA TRP A 140 4.19 25.47 -9.24
C TRP A 140 4.18 25.95 -7.78
N THR A 141 3.50 27.07 -7.55
CA THR A 141 3.42 27.68 -6.21
C THR A 141 2.01 27.63 -5.63
N SER A 142 1.01 27.59 -6.52
CA SER A 142 -0.40 27.52 -6.13
C SER A 142 -1.29 27.18 -7.32
N TRP A 143 -2.59 27.07 -7.06
CA TRP A 143 -3.59 27.07 -8.13
C TRP A 143 -3.69 28.50 -8.65
N LYS A 144 -3.60 28.66 -9.96
CA LYS A 144 -3.60 30.00 -10.58
C LYS A 144 -4.58 30.12 -11.74
N PRO A 145 -5.40 31.18 -11.72
CA PRO A 145 -6.45 31.38 -12.71
C PRO A 145 -5.94 31.49 -14.15
N LEU A 146 -4.80 32.15 -14.34
CA LEU A 146 -4.35 32.52 -15.67
C LEU A 146 -3.21 31.66 -16.20
N TRP A 147 -2.66 30.83 -15.32
CA TRP A 147 -1.41 30.14 -15.53
C TRP A 147 -1.56 28.81 -16.28
N LEU A 148 -0.71 28.62 -17.28
CA LEU A 148 -0.64 27.37 -18.06
C LEU A 148 -1.96 26.98 -18.74
N CYS A 149 -2.68 27.98 -19.23
CA CYS A 149 -3.94 27.75 -19.93
C CYS A 149 -3.72 27.33 -21.38
N GLY A 150 -4.42 26.27 -21.77
CA GLY A 150 -4.32 25.73 -23.12
C GLY A 150 -5.49 26.07 -24.03
N TYR A 151 -5.55 25.40 -25.17
CA TYR A 151 -6.64 25.59 -26.11
C TYR A 151 -7.45 24.31 -26.20
N GLY A 152 -8.75 24.43 -25.96
CA GLY A 152 -9.61 23.26 -25.80
C GLY A 152 -10.33 22.87 -27.06
N LEU A 153 -10.95 21.70 -27.04
CA LEU A 153 -11.61 21.16 -28.22
C LEU A 153 -13.12 21.43 -28.29
N THR A 154 -13.73 21.81 -27.18
CA THR A 154 -15.15 22.16 -27.18
C THR A 154 -15.39 23.37 -28.09
N GLN A 155 -16.45 23.29 -28.90
CA GLN A 155 -16.88 24.35 -29.83
C GLN A 155 -15.88 24.64 -30.98
N SER A 156 -14.88 23.78 -31.18
CA SER A 156 -13.76 24.05 -32.08
C SER A 156 -13.94 23.58 -33.52
N THR A 157 -12.97 23.95 -34.37
CA THR A 157 -12.88 23.49 -35.75
C THR A 157 -11.63 22.65 -35.95
N VAL A 158 -11.85 21.37 -36.25
CA VAL A 158 -10.74 20.46 -36.53
C VAL A 158 -10.63 20.24 -38.03
N GLY A 159 -9.41 20.38 -38.55
CA GLY A 159 -9.12 20.13 -39.94
C GLY A 159 -8.21 18.93 -40.12
N ILE A 160 -8.68 17.94 -40.88
CA ILE A 160 -7.89 16.74 -41.13
C ILE A 160 -7.36 16.74 -42.56
N ILE A 161 -6.05 16.85 -42.71
CA ILE A 161 -5.44 16.68 -44.03
C ILE A 161 -5.28 15.18 -44.30
N GLY A 162 -6.03 14.69 -45.29
CA GLY A 162 -6.04 13.28 -45.62
C GLY A 162 -6.97 12.51 -44.70
N LEU A 163 -8.26 12.57 -45.00
CA LEU A 163 -9.25 11.75 -44.31
C LEU A 163 -9.22 10.33 -44.87
N GLY A 164 -8.09 9.65 -44.63
CA GLY A 164 -7.99 8.24 -44.89
C GLY A 164 -8.61 7.50 -43.72
N ARG A 165 -8.20 6.25 -43.53
CA ARG A 165 -8.82 5.42 -42.51
C ARG A 165 -8.30 5.81 -41.11
N ILE A 166 -7.06 6.28 -41.07
CA ILE A 166 -6.49 6.87 -39.84
C ILE A 166 -7.11 8.26 -39.59
N GLY A 167 -7.33 9.02 -40.66
CA GLY A 167 -8.03 10.31 -40.57
C GLY A 167 -9.40 10.19 -39.92
N GLN A 168 -10.20 9.28 -40.44
CA GLN A 168 -11.53 8.94 -39.92
C GLN A 168 -11.47 8.52 -38.45
N ALA A 169 -10.56 7.62 -38.13
CA ALA A 169 -10.42 7.10 -36.79
C ALA A 169 -10.11 8.22 -35.80
N ILE A 170 -9.28 9.18 -36.22
CA ILE A 170 -9.00 10.36 -35.40
C ILE A 170 -10.28 11.15 -35.18
N ALA A 171 -10.96 11.51 -36.27
CA ALA A 171 -12.24 12.22 -36.21
C ALA A 171 -13.23 11.55 -35.25
N ARG A 172 -13.40 10.23 -35.41
CA ARG A 172 -14.30 9.44 -34.57
C ARG A 172 -14.02 9.65 -33.09
N ARG A 173 -12.73 9.72 -32.75
CA ARG A 173 -12.25 9.89 -31.37
C ARG A 173 -12.46 11.31 -30.86
N LEU A 174 -12.35 12.30 -31.75
CA LEU A 174 -12.42 13.71 -31.37
C LEU A 174 -13.86 14.22 -31.24
N LYS A 175 -14.80 13.55 -31.93
CA LYS A 175 -16.21 13.94 -31.95
C LYS A 175 -16.83 14.21 -30.55
N PRO A 176 -16.68 13.27 -29.60
CA PRO A 176 -17.23 13.48 -28.25
C PRO A 176 -16.56 14.61 -27.46
N PHE A 177 -15.50 15.21 -28.01
CA PHE A 177 -14.85 16.34 -27.35
C PHE A 177 -15.59 17.66 -27.57
N GLY A 178 -16.65 17.64 -28.37
CA GLY A 178 -17.47 18.83 -28.64
C GLY A 178 -17.01 19.69 -29.79
N VAL A 179 -16.36 19.06 -30.77
CA VAL A 179 -15.90 19.75 -31.98
C VAL A 179 -17.11 20.18 -32.79
N GLN A 180 -17.17 21.45 -33.16
CA GLN A 180 -18.32 22.01 -33.87
C GLN A 180 -18.22 21.77 -35.38
N ARG A 181 -17.00 21.85 -35.91
CA ARG A 181 -16.77 21.80 -37.35
C ARG A 181 -15.64 20.87 -37.72
N PHE A 182 -15.91 19.97 -38.66
CA PHE A 182 -14.90 19.10 -39.24
C PHE A 182 -14.61 19.48 -40.70
N LEU A 183 -13.34 19.66 -41.01
CA LEU A 183 -12.88 19.99 -42.36
C LEU A 183 -11.79 19.02 -42.82
N TYR A 184 -11.82 18.66 -44.10
CA TYR A 184 -10.85 17.74 -44.67
C TYR A 184 -10.47 18.08 -46.11
N THR A 185 -9.29 17.63 -46.51
CA THR A 185 -8.73 17.92 -47.82
C THR A 185 -8.06 16.67 -48.40
N GLY A 186 -7.83 16.67 -49.72
CA GLY A 186 -7.22 15.55 -50.44
C GLY A 186 -7.37 15.69 -51.94
N ARG A 187 -6.79 14.74 -52.69
CA ARG A 187 -6.88 14.75 -54.16
C ARG A 187 -8.32 14.61 -54.65
N GLN A 188 -9.14 13.91 -53.85
CA GLN A 188 -10.58 13.78 -54.10
C GLN A 188 -11.35 13.76 -52.77
N PRO A 189 -12.61 14.24 -52.78
CA PRO A 189 -13.45 14.16 -51.57
C PRO A 189 -14.02 12.75 -51.31
N ARG A 190 -14.28 12.45 -50.05
CA ARG A 190 -14.83 11.14 -49.65
C ARG A 190 -16.18 11.29 -48.91
N PRO A 191 -17.28 11.51 -49.65
CA PRO A 191 -18.59 11.80 -49.04
C PRO A 191 -19.10 10.71 -48.12
N GLU A 192 -18.97 9.45 -48.57
CA GLU A 192 -19.41 8.28 -47.81
C GLU A 192 -18.69 8.19 -46.46
N GLU A 193 -17.38 8.39 -46.48
CA GLU A 193 -16.58 8.36 -45.24
C GLU A 193 -16.72 9.63 -44.38
N ALA A 194 -17.04 10.76 -45.00
CA ALA A 194 -17.19 12.04 -44.29
C ALA A 194 -18.58 12.23 -43.70
N ALA A 195 -19.55 11.45 -44.18
CA ALA A 195 -20.93 11.48 -43.69
C ALA A 195 -21.02 11.29 -42.17
N GLU A 196 -20.18 10.41 -41.64
CA GLU A 196 -20.17 10.06 -40.22
C GLU A 196 -19.86 11.25 -39.31
N PHE A 197 -19.08 12.20 -39.82
CA PHE A 197 -18.66 13.36 -39.05
C PHE A 197 -19.20 14.65 -39.65
N GLN A 198 -20.02 14.53 -40.69
CA GLN A 198 -20.54 15.67 -41.44
C GLN A 198 -19.41 16.65 -41.84
N ALA A 199 -18.23 16.10 -42.09
CA ALA A 199 -17.07 16.89 -42.49
C ALA A 199 -17.26 17.54 -43.85
N GLU A 200 -16.73 18.74 -44.02
CA GLU A 200 -16.83 19.48 -45.29
C GLU A 200 -15.53 19.34 -46.06
N PHE A 201 -15.62 19.17 -47.37
CA PHE A 201 -14.43 19.09 -48.21
C PHE A 201 -14.02 20.47 -48.68
N VAL A 202 -12.89 20.95 -48.18
CA VAL A 202 -12.38 22.27 -48.55
C VAL A 202 -11.05 22.16 -49.30
N SER A 203 -10.54 23.30 -49.74
CA SER A 203 -9.20 23.36 -50.30
C SER A 203 -8.20 23.41 -49.14
N THR A 204 -6.92 23.35 -49.47
CA THR A 204 -5.88 23.45 -48.45
C THR A 204 -5.77 24.89 -47.89
N PRO A 205 -5.66 25.91 -48.77
CA PRO A 205 -5.61 27.29 -48.27
C PRO A 205 -6.76 27.64 -47.31
N GLU A 206 -7.94 27.10 -47.59
CA GLU A 206 -9.15 27.33 -46.78
C GLU A 206 -9.11 26.58 -45.44
N LEU A 207 -8.49 25.40 -45.45
CA LEU A 207 -8.33 24.57 -44.25
C LEU A 207 -7.47 25.27 -43.19
N ALA A 208 -6.34 25.80 -43.62
CA ALA A 208 -5.39 26.46 -42.73
C ALA A 208 -5.98 27.66 -41.98
N ALA A 209 -6.77 28.47 -42.69
CA ALA A 209 -7.33 29.71 -42.13
C ALA A 209 -8.56 29.49 -41.24
N GLN A 210 -9.24 28.37 -41.41
CA GLN A 210 -10.50 28.13 -40.70
C GLN A 210 -10.35 27.30 -39.43
N SER A 211 -9.28 26.51 -39.37
CA SER A 211 -9.12 25.52 -38.31
C SER A 211 -8.45 26.02 -37.04
N ASP A 212 -8.91 25.48 -35.92
CA ASP A 212 -8.30 25.69 -34.62
C ASP A 212 -7.26 24.60 -34.33
N PHE A 213 -7.52 23.39 -34.84
CA PHE A 213 -6.58 22.28 -34.77
C PHE A 213 -6.45 21.64 -36.15
N ILE A 214 -5.24 21.21 -36.50
CA ILE A 214 -5.00 20.60 -37.81
C ILE A 214 -4.21 19.31 -37.66
N VAL A 215 -4.70 18.24 -38.26
CA VAL A 215 -4.04 16.95 -38.19
C VAL A 215 -3.63 16.46 -39.58
N VAL A 216 -2.32 16.36 -39.80
CA VAL A 216 -1.80 15.77 -41.04
C VAL A 216 -1.71 14.26 -40.83
N ALA A 217 -2.73 13.54 -41.28
CA ALA A 217 -2.81 12.10 -41.10
C ALA A 217 -2.23 11.34 -42.31
N CYS A 218 -2.40 10.01 -42.28
CA CYS A 218 -1.94 9.09 -43.34
C CYS A 218 -0.44 9.20 -43.66
N GLY A 226 6.21 18.79 -50.02
CA GLY A 226 6.54 19.58 -48.85
C GLY A 226 5.56 20.71 -48.59
N LEU A 227 4.27 20.37 -48.62
CA LEU A 227 3.17 21.32 -48.52
C LEU A 227 3.20 22.23 -47.29
N CYS A 228 3.43 21.66 -46.12
CA CYS A 228 3.31 22.41 -44.87
C CYS A 228 4.51 23.33 -44.56
N ASN A 229 4.51 24.50 -45.21
CA ASN A 229 5.65 25.44 -45.20
C ASN A 229 5.28 26.88 -44.85
N LYS A 230 6.22 27.81 -45.07
CA LYS A 230 6.05 29.24 -44.79
C LYS A 230 4.73 29.83 -45.30
N ASP A 231 4.27 29.34 -46.47
CA ASP A 231 3.01 29.79 -47.05
C ASP A 231 1.81 29.19 -46.31
N PHE A 232 2.01 28.01 -45.72
CA PHE A 232 0.93 27.31 -45.00
C PHE A 232 0.67 27.89 -43.61
N PHE A 233 1.72 28.11 -42.82
CA PHE A 233 1.57 28.58 -41.43
C PHE A 233 1.19 30.06 -41.29
N GLN A 234 1.45 30.85 -42.32
CA GLN A 234 1.02 32.26 -42.38
C GLN A 234 -0.51 32.36 -42.46
N LYS A 235 -1.11 31.41 -43.16
CA LYS A 235 -2.57 31.33 -43.33
C LYS A 235 -3.27 30.81 -42.07
N MET A 236 -2.53 30.06 -41.25
CA MET A 236 -3.06 29.52 -40.00
C MET A 236 -3.37 30.59 -38.95
N LYS A 237 -4.24 30.24 -38.00
CA LYS A 237 -4.65 31.14 -36.92
C LYS A 237 -3.54 31.29 -35.89
N GLU A 238 -3.42 32.48 -35.32
CA GLU A 238 -2.50 32.75 -34.22
C GLU A 238 -2.64 31.70 -33.09
N THR A 239 -3.87 31.25 -32.83
CA THR A 239 -4.19 30.38 -31.68
C THR A 239 -4.34 28.90 -32.04
N ALA A 240 -3.74 28.49 -33.15
CA ALA A 240 -3.97 27.16 -33.70
C ALA A 240 -2.86 26.15 -33.39
N VAL A 241 -3.22 24.88 -33.35
CA VAL A 241 -2.26 23.81 -33.07
C VAL A 241 -2.03 22.92 -34.28
N PHE A 242 -0.75 22.70 -34.61
CA PHE A 242 -0.38 21.89 -35.76
C PHE A 242 0.10 20.50 -35.31
N ILE A 243 -0.44 19.46 -35.95
CA ILE A 243 -0.09 18.08 -35.60
C ILE A 243 0.22 17.26 -36.86
N ASN A 244 1.40 16.63 -36.87
CA ASN A 244 1.81 15.76 -37.98
C ASN A 244 2.14 14.37 -37.50
N ILE A 245 1.38 13.38 -38.01
CA ILE A 245 1.62 11.96 -37.72
C ILE A 245 2.00 11.15 -38.97
N SER A 246 2.01 11.81 -40.13
CA SER A 246 2.27 11.14 -41.40
C SER A 246 3.76 10.82 -41.63
N ARG A 247 4.45 11.70 -42.34
CA ARG A 247 5.90 11.59 -42.55
C ARG A 247 6.56 12.95 -42.40
N GLY A 248 7.84 12.96 -42.05
CA GLY A 248 8.59 14.19 -41.82
C GLY A 248 8.65 15.11 -43.03
N ASP A 249 8.95 14.55 -44.20
CA ASP A 249 9.20 15.32 -45.42
C ASP A 249 8.15 16.39 -45.81
N VAL A 250 6.92 16.26 -45.31
CA VAL A 250 5.83 17.17 -45.70
C VAL A 250 5.91 18.51 -44.99
N VAL A 251 6.67 18.54 -43.89
CA VAL A 251 6.86 19.74 -43.11
C VAL A 251 8.20 20.37 -43.47
N ASN A 252 8.18 21.68 -43.72
CA ASN A 252 9.39 22.46 -43.87
C ASN A 252 9.81 22.87 -42.46
N GLN A 253 10.80 22.17 -41.92
CA GLN A 253 11.11 22.25 -40.50
C GLN A 253 11.67 23.60 -40.05
N ASP A 254 12.42 24.26 -40.93
CA ASP A 254 12.90 25.61 -40.64
C ASP A 254 11.73 26.61 -40.61
N ASP A 255 10.79 26.44 -41.53
CA ASP A 255 9.59 27.27 -41.59
C ASP A 255 8.68 27.14 -40.36
N LEU A 256 8.60 25.93 -39.79
CA LEU A 256 7.79 25.68 -38.60
C LEU A 256 8.41 26.31 -37.36
N TYR A 257 9.73 26.24 -37.25
CA TYR A 257 10.46 26.91 -36.18
C TYR A 257 10.14 28.39 -36.17
N GLN A 258 10.11 28.99 -37.36
CA GLN A 258 9.84 30.41 -37.53
C GLN A 258 8.45 30.78 -37.00
N ALA A 259 7.47 29.99 -37.40
CA ALA A 259 6.08 30.21 -37.01
C ALA A 259 5.90 30.18 -35.50
N LEU A 260 6.46 29.13 -34.88
CA LEU A 260 6.35 28.91 -33.44
C LEU A 260 7.09 29.97 -32.62
N ALA A 261 8.24 30.43 -33.12
CA ALA A 261 9.01 31.45 -32.42
C ALA A 261 8.42 32.85 -32.58
N SER A 262 7.84 33.12 -33.75
CA SER A 262 7.24 34.43 -34.02
C SER A 262 5.87 34.57 -33.37
N GLY A 263 5.12 33.48 -33.36
CA GLY A 263 3.77 33.47 -32.80
C GLY A 263 2.72 33.31 -33.87
N LYS A 264 3.14 32.97 -35.09
CA LYS A 264 2.24 32.70 -36.21
C LYS A 264 1.29 31.52 -35.94
N ILE A 265 1.79 30.49 -35.27
CA ILE A 265 0.89 29.46 -34.71
C ILE A 265 1.15 29.26 -33.22
N ALA A 266 0.13 28.75 -32.52
CA ALA A 266 0.19 28.59 -31.06
C ALA A 266 1.19 27.52 -30.61
N ALA A 267 1.07 26.32 -31.18
CA ALA A 267 1.90 25.17 -30.79
C ALA A 267 1.88 24.07 -31.84
N ALA A 268 2.87 23.18 -31.78
CA ALA A 268 2.98 22.08 -32.72
C ALA A 268 3.41 20.78 -32.05
N GLY A 269 2.90 19.66 -32.57
CA GLY A 269 3.22 18.33 -32.09
C GLY A 269 3.53 17.42 -33.27
N LEU A 270 4.60 16.63 -33.15
CA LEU A 270 5.12 15.86 -34.28
C LEU A 270 5.48 14.44 -33.87
N ASP A 271 4.95 13.46 -34.60
CA ASP A 271 5.30 12.05 -34.38
C ASP A 271 6.38 11.59 -35.34
N VAL A 272 6.63 12.40 -36.37
CA VAL A 272 7.58 12.08 -37.43
C VAL A 272 8.46 13.31 -37.76
N THR A 273 9.72 13.07 -38.12
CA THR A 273 10.67 14.17 -38.43
C THR A 273 11.58 13.94 -39.65
N SER A 274 12.37 14.96 -40.00
CA SER A 274 13.37 14.89 -41.07
C SER A 274 14.79 15.27 -40.59
N PRO A 275 15.66 14.26 -40.40
CA PRO A 275 15.35 12.84 -40.58
C PRO A 275 14.96 12.19 -39.25
N GLU A 276 14.90 10.85 -39.24
CA GLU A 276 14.53 10.10 -38.05
C GLU A 276 15.69 9.17 -37.65
N PRO A 277 16.33 9.44 -36.51
CA PRO A 277 15.96 10.41 -35.46
C PRO A 277 16.45 11.82 -35.73
N LEU A 278 15.77 12.79 -35.12
CA LEU A 278 16.24 14.17 -35.11
C LEU A 278 17.54 14.30 -34.32
N PRO A 279 18.55 14.94 -34.91
CA PRO A 279 19.73 15.28 -34.12
C PRO A 279 19.33 15.98 -32.81
N THR A 280 19.93 15.55 -31.70
CA THR A 280 19.61 16.09 -30.37
C THR A 280 19.91 17.58 -30.21
N ASN A 281 20.60 18.16 -31.19
CA ASN A 281 20.89 19.60 -31.17
C ASN A 281 20.01 20.40 -32.14
N HIS A 282 18.88 19.82 -32.52
CA HIS A 282 17.97 20.49 -33.44
C HIS A 282 17.26 21.66 -32.74
N PRO A 283 17.13 22.81 -33.44
CA PRO A 283 16.37 23.99 -33.03
C PRO A 283 14.97 23.71 -32.42
N LEU A 284 14.19 22.84 -33.05
CA LEU A 284 12.81 22.58 -32.59
C LEU A 284 12.74 22.00 -31.19
N LEU A 285 13.83 21.34 -30.79
CA LEU A 285 13.95 20.78 -29.45
C LEU A 285 14.22 21.86 -28.39
N THR A 286 14.44 23.09 -28.82
CA THR A 286 14.65 24.18 -27.87
C THR A 286 13.38 25.02 -27.69
N LEU A 287 12.32 24.64 -28.39
CA LEU A 287 11.05 25.35 -28.31
C LEU A 287 10.12 24.71 -27.28
N LYS A 288 9.48 25.58 -26.50
CA LYS A 288 8.59 25.15 -25.42
C LYS A 288 7.24 24.64 -25.96
N ASN A 289 6.75 25.33 -26.99
CA ASN A 289 5.46 25.06 -27.61
C ASN A 289 5.54 24.06 -28.78
N CYS A 290 6.53 23.19 -28.76
CA CYS A 290 6.66 22.13 -29.76
C CYS A 290 6.97 20.81 -29.07
N VAL A 291 6.14 19.81 -29.35
CA VAL A 291 6.30 18.48 -28.76
C VAL A 291 6.73 17.54 -29.86
N ILE A 292 7.74 16.71 -29.58
CA ILE A 292 8.27 15.77 -30.57
C ILE A 292 8.42 14.38 -30.01
N LEU A 293 7.80 13.41 -30.69
CA LEU A 293 7.85 12.02 -30.29
C LEU A 293 8.67 11.20 -31.28
N PRO A 294 9.32 10.13 -30.82
CA PRO A 294 10.11 9.29 -31.70
C PRO A 294 9.28 8.24 -32.46
N HIS A 295 8.41 8.68 -33.35
CA HIS A 295 7.61 7.78 -34.21
C HIS A 295 7.00 6.58 -33.46
N ILE A 296 6.23 6.87 -32.40
CA ILE A 296 5.67 5.82 -31.56
C ILE A 296 4.21 5.54 -31.86
N GLY A 297 3.73 6.05 -32.99
CA GLY A 297 2.33 5.93 -33.41
C GLY A 297 1.65 4.60 -33.22
N SER A 298 2.30 3.51 -33.63
CA SER A 298 1.72 2.16 -33.56
C SER A 298 2.34 1.28 -32.46
N ALA A 299 2.88 1.93 -31.42
CA ALA A 299 3.63 1.26 -30.37
C ALA A 299 2.79 0.75 -29.18
N THR A 300 2.16 -0.41 -29.35
CA THR A 300 1.65 -1.22 -28.24
C THR A 300 1.92 -2.69 -28.56
N HIS A 301 2.16 -3.50 -27.53
CA HIS A 301 2.48 -4.92 -27.71
C HIS A 301 1.42 -5.59 -28.58
N ARG A 302 0.15 -5.33 -28.28
CA ARG A 302 -0.97 -5.85 -29.05
C ARG A 302 -0.77 -5.55 -30.54
N THR A 303 -0.77 -4.27 -30.89
CA THR A 303 -0.62 -3.79 -32.27
C THR A 303 0.67 -4.29 -32.95
N ARG A 304 1.77 -4.25 -32.21
CA ARG A 304 3.05 -4.57 -32.80
C ARG A 304 3.18 -6.05 -33.11
N ASN A 305 2.70 -6.88 -32.20
CA ASN A 305 2.60 -8.33 -32.44
C ASN A 305 1.76 -8.67 -33.66
N THR A 306 0.67 -7.95 -33.84
CA THR A 306 -0.27 -8.19 -34.93
C THR A 306 0.31 -7.72 -36.28
N MET A 307 1.02 -6.60 -36.27
CA MET A 307 1.74 -6.15 -37.47
C MET A 307 2.74 -7.21 -37.86
N SER A 308 3.50 -7.67 -36.86
CA SER A 308 4.50 -8.72 -36.98
C SER A 308 3.93 -9.99 -37.62
N LEU A 309 2.77 -10.44 -37.13
CA LEU A 309 2.13 -11.62 -37.67
C LEU A 309 1.70 -11.41 -39.13
N LEU A 310 1.08 -10.28 -39.42
CA LEU A 310 0.65 -9.97 -40.78
C LEU A 310 1.83 -9.91 -41.78
N ALA A 311 2.91 -9.23 -41.39
CA ALA A 311 4.12 -9.20 -42.22
C ALA A 311 4.60 -10.62 -42.55
N ALA A 312 4.60 -11.50 -41.55
CA ALA A 312 5.02 -12.88 -41.74
C ALA A 312 4.06 -13.64 -42.68
N ASN A 313 2.75 -13.51 -42.45
CA ASN A 313 1.78 -14.19 -43.29
C ASN A 313 1.87 -13.72 -44.74
N ASN A 314 2.00 -12.40 -44.91
CA ASN A 314 2.23 -11.82 -46.25
C ASN A 314 3.42 -12.47 -46.95
N LEU A 315 4.53 -12.62 -46.23
CA LEU A 315 5.75 -13.20 -46.78
C LEU A 315 5.53 -14.65 -47.15
N LEU A 316 4.97 -15.43 -46.23
CA LEU A 316 4.75 -16.86 -46.43
C LEU A 316 3.79 -17.15 -47.59
N ALA A 317 2.77 -16.32 -47.74
CA ALA A 317 1.83 -16.47 -48.85
C ALA A 317 2.47 -16.08 -50.17
N GLY A 318 3.32 -15.06 -50.13
CA GLY A 318 4.06 -14.61 -51.31
C GLY A 318 4.97 -15.69 -51.86
N LEU A 319 5.69 -16.36 -50.96
CA LEU A 319 6.61 -17.44 -51.30
C LEU A 319 5.90 -18.65 -51.91
N ARG A 320 4.66 -18.88 -51.49
CA ARG A 320 3.88 -20.03 -51.91
C ARG A 320 2.99 -19.72 -53.12
N GLY A 321 3.00 -18.46 -53.55
CA GLY A 321 2.21 -18.03 -54.72
C GLY A 321 0.72 -18.00 -54.45
N GLU A 322 0.36 -17.73 -53.19
CA GLU A 322 -1.01 -17.71 -52.71
C GLU A 322 -1.52 -16.26 -52.62
N PRO A 323 -2.83 -16.05 -52.35
CA PRO A 323 -3.28 -14.69 -52.11
C PRO A 323 -2.88 -14.21 -50.73
N MET A 324 -2.25 -13.03 -50.68
CA MET A 324 -1.77 -12.46 -49.42
C MET A 324 -2.92 -11.79 -48.66
N PRO A 325 -2.86 -11.85 -47.31
CA PRO A 325 -3.84 -11.15 -46.47
C PRO A 325 -3.91 -9.63 -46.73
N SER A 326 -2.78 -9.03 -47.12
CA SER A 326 -2.72 -7.59 -47.27
C SER A 326 -1.63 -7.18 -48.28
N GLU A 327 -1.92 -7.32 -49.57
CA GLU A 327 -0.96 -7.03 -50.63
C GLU A 327 -1.07 -5.61 -51.21
N LEU A 328 0.03 -5.11 -51.77
CA LEU A 328 0.09 -3.79 -52.39
C LEU A 328 0.28 -3.84 -53.91
N LYS A 329 -0.67 -3.25 -54.63
CA LYS A 329 -0.66 -3.26 -56.09
C LYS A 329 0.20 -2.14 -56.65
N LEU B 8 -23.71 51.98 -1.47
CA LEU B 8 -22.59 51.20 -2.06
C LEU B 8 -22.13 50.05 -1.15
N MET B 9 -21.87 48.89 -1.75
CA MET B 9 -21.48 47.70 -1.00
C MET B 9 -20.01 47.33 -1.20
N LYS B 10 -19.41 46.74 -0.18
CA LYS B 10 -17.98 46.44 -0.18
C LYS B 10 -17.67 45.02 -0.64
N VAL B 11 -16.77 44.90 -1.60
CA VAL B 11 -16.40 43.61 -2.18
C VAL B 11 -14.89 43.41 -2.04
N PHE B 12 -14.49 42.24 -1.55
CA PHE B 12 -13.09 41.88 -1.56
C PHE B 12 -12.85 40.68 -2.47
N VAL B 13 -11.81 40.81 -3.29
CA VAL B 13 -11.38 39.77 -4.22
C VAL B 13 -10.01 39.29 -3.77
N THR B 14 -9.87 37.97 -3.65
CA THR B 14 -8.65 37.37 -3.08
C THR B 14 -7.50 37.20 -4.07
N ARG B 15 -7.73 37.54 -5.34
CA ARG B 15 -6.73 37.33 -6.40
C ARG B 15 -7.01 38.19 -7.62
N ARG B 16 -6.00 38.32 -8.49
CA ARG B 16 -6.21 38.84 -9.83
C ARG B 16 -6.90 37.78 -10.67
N ILE B 17 -8.21 37.91 -10.82
CA ILE B 17 -8.99 36.97 -11.61
C ILE B 17 -8.94 37.36 -13.09
N PRO B 18 -9.32 36.44 -14.01
CA PRO B 18 -9.34 36.73 -15.45
C PRO B 18 -10.24 37.91 -15.81
N ALA B 19 -10.02 38.47 -17.00
CA ALA B 19 -10.62 39.74 -17.45
C ALA B 19 -12.16 39.86 -17.34
N GLU B 20 -12.88 38.91 -17.94
CA GLU B 20 -14.34 38.95 -17.96
C GLU B 20 -14.97 39.11 -16.57
N GLY B 21 -14.33 38.53 -15.57
CA GLY B 21 -14.75 38.72 -14.17
C GLY B 21 -14.45 40.13 -13.68
N ARG B 22 -13.22 40.59 -13.88
CA ARG B 22 -12.81 41.93 -13.44
C ARG B 22 -13.70 43.00 -14.05
N VAL B 23 -13.96 42.86 -15.35
CA VAL B 23 -14.74 43.82 -16.12
C VAL B 23 -16.16 43.96 -15.58
N ALA B 24 -16.79 42.82 -15.26
CA ALA B 24 -18.15 42.83 -14.72
C ALA B 24 -18.23 43.61 -13.40
N LEU B 25 -17.27 43.38 -12.50
CA LEU B 25 -17.23 44.02 -11.19
C LEU B 25 -16.90 45.49 -11.27
N ALA B 26 -16.15 45.88 -12.29
CA ALA B 26 -15.85 47.29 -12.51
C ALA B 26 -17.05 48.04 -13.08
N ARG B 27 -17.78 47.40 -14.00
CA ARG B 27 -18.96 48.01 -14.64
C ARG B 27 -20.17 48.17 -13.72
N ALA B 28 -20.10 47.59 -12.53
CA ALA B 28 -21.25 47.52 -11.64
C ALA B 28 -20.97 48.14 -10.28
N ALA B 29 -21.32 49.41 -10.10
CA ALA B 29 -20.98 50.12 -8.87
C ALA B 29 -21.92 51.28 -8.49
N ASP B 30 -22.74 51.13 -7.45
CA ASP B 30 -23.13 49.85 -6.81
C ASP B 30 -22.15 49.20 -5.81
N CYS B 31 -20.88 49.07 -6.21
CA CYS B 31 -19.88 48.38 -5.40
C CYS B 31 -18.55 49.13 -5.30
N GLU B 32 -17.89 48.95 -4.17
CA GLU B 32 -16.50 49.37 -4.04
C GLU B 32 -15.65 48.10 -4.02
N VAL B 33 -14.93 47.88 -5.10
CA VAL B 33 -14.19 46.64 -5.32
C VAL B 33 -12.71 46.78 -4.91
N GLU B 34 -12.32 46.02 -3.89
CA GLU B 34 -10.91 45.93 -3.52
C GLU B 34 -10.37 44.54 -3.87
N GLN B 35 -9.21 44.53 -4.52
CA GLN B 35 -8.64 43.30 -5.07
C GLN B 35 -7.22 43.07 -4.56
N TRP B 36 -6.90 41.83 -4.21
CA TRP B 36 -5.51 41.42 -3.95
C TRP B 36 -4.78 41.32 -5.29
N ASP B 37 -3.97 42.32 -5.61
CA ASP B 37 -3.45 42.54 -6.95
C ASP B 37 -2.30 41.61 -7.37
N SER B 38 -2.34 40.37 -6.90
CA SER B 38 -1.23 39.44 -7.11
C SER B 38 -1.67 38.19 -7.89
N ASP B 39 -0.69 37.48 -8.44
CA ASP B 39 -0.91 36.15 -8.99
C ASP B 39 -0.75 35.10 -7.90
N GLU B 40 -0.11 35.47 -6.79
CA GLU B 40 0.16 34.56 -5.68
C GLU B 40 -0.98 34.57 -4.65
N PRO B 41 -1.27 33.41 -4.03
CA PRO B 41 -2.40 33.32 -3.09
C PRO B 41 -2.24 34.26 -1.90
N ILE B 42 -3.37 34.79 -1.44
CA ILE B 42 -3.36 35.75 -0.34
C ILE B 42 -3.03 35.05 0.99
N PRO B 43 -2.03 35.57 1.72
CA PRO B 43 -1.72 35.07 3.07
C PRO B 43 -2.92 35.25 4.00
N ALA B 44 -3.09 34.32 4.93
CA ALA B 44 -4.25 34.27 5.82
C ALA B 44 -4.47 35.56 6.60
N LYS B 45 -3.40 36.17 7.09
CA LYS B 45 -3.51 37.40 7.88
C LYS B 45 -3.83 38.63 7.04
N GLU B 46 -3.48 38.62 5.76
CA GLU B 46 -3.82 39.73 4.85
C GLU B 46 -5.28 39.67 4.44
N LEU B 47 -5.75 38.46 4.16
CA LEU B 47 -7.15 38.17 3.92
C LEU B 47 -7.99 38.62 5.12
N GLU B 48 -7.47 38.38 6.32
CA GLU B 48 -8.13 38.76 7.57
C GLU B 48 -8.45 40.27 7.66
N ARG B 49 -7.61 41.12 7.06
CA ARG B 49 -7.93 42.55 7.01
C ARG B 49 -8.68 42.93 5.74
N GLY B 50 -8.55 42.10 4.71
CA GLY B 50 -9.22 42.30 3.43
C GLY B 50 -10.73 42.20 3.51
N VAL B 51 -11.23 41.13 4.14
CA VAL B 51 -12.67 40.86 4.25
C VAL B 51 -13.42 41.73 5.24
N ALA B 52 -12.68 42.40 6.13
CA ALA B 52 -13.29 43.19 7.20
C ALA B 52 -14.24 44.27 6.67
N GLY B 53 -15.49 44.22 7.10
CA GLY B 53 -16.53 45.16 6.68
C GLY B 53 -17.05 44.94 5.26
N ALA B 54 -16.74 43.79 4.67
CA ALA B 54 -17.15 43.48 3.29
C ALA B 54 -18.54 42.86 3.23
N HIS B 55 -19.31 43.25 2.21
CA HIS B 55 -20.62 42.67 1.92
C HIS B 55 -20.49 41.40 1.09
N GLY B 56 -19.49 41.39 0.20
CA GLY B 56 -19.24 40.24 -0.65
C GLY B 56 -17.78 39.83 -0.73
N LEU B 57 -17.56 38.52 -0.82
CA LEU B 57 -16.23 37.94 -0.97
C LEU B 57 -16.16 37.13 -2.25
N LEU B 58 -15.18 37.45 -3.09
CA LEU B 58 -14.87 36.61 -4.25
C LEU B 58 -13.54 35.91 -4.00
N CYS B 59 -13.60 34.58 -3.85
CA CYS B 59 -12.42 33.81 -3.45
C CYS B 59 -12.05 32.66 -4.40
N LEU B 60 -10.95 32.00 -4.06
CA LEU B 60 -10.40 30.89 -4.83
C LEU B 60 -10.20 29.69 -3.93
N LEU B 61 -10.09 28.51 -4.53
CA LEU B 61 -9.90 27.25 -3.78
C LEU B 61 -8.65 27.24 -2.89
N SER B 62 -7.76 28.21 -3.11
CA SER B 62 -6.55 28.38 -2.30
C SER B 62 -6.84 28.98 -0.93
N ASP B 63 -7.86 29.82 -0.85
CA ASP B 63 -8.20 30.51 0.39
C ASP B 63 -9.08 29.66 1.29
N HIS B 64 -8.69 29.54 2.56
CA HIS B 64 -9.48 28.81 3.54
C HIS B 64 -10.45 29.79 4.21
N VAL B 65 -11.75 29.58 3.99
CA VAL B 65 -12.77 30.45 4.60
C VAL B 65 -13.39 29.76 5.82
N ASP B 66 -12.85 30.12 6.97
CA ASP B 66 -13.22 29.51 8.25
C ASP B 66 -13.89 30.50 9.18
N LYS B 67 -14.28 30.03 10.37
CA LYS B 67 -14.86 30.88 11.40
C LYS B 67 -14.01 32.13 11.63
N ARG B 68 -12.70 31.97 11.52
CA ARG B 68 -11.73 33.02 11.79
C ARG B 68 -11.81 34.19 10.81
N ILE B 69 -12.20 33.95 9.57
CA ILE B 69 -12.31 35.07 8.64
C ILE B 69 -13.74 35.59 8.47
N LEU B 70 -14.72 34.77 8.86
CA LEU B 70 -16.12 35.21 8.93
C LEU B 70 -16.33 36.20 10.08
N ASP B 71 -15.61 35.98 11.18
CA ASP B 71 -15.60 36.90 12.31
C ASP B 71 -14.96 38.25 11.94
N ALA B 72 -13.98 38.20 11.04
CA ALA B 72 -13.31 39.40 10.55
C ALA B 72 -14.24 40.24 9.69
N ALA B 73 -14.96 39.59 8.79
CA ALA B 73 -15.92 40.26 7.91
C ALA B 73 -17.08 40.88 8.70
N GLY B 74 -17.53 40.16 9.73
CA GLY B 74 -18.67 40.59 10.54
C GLY B 74 -20.00 40.21 9.95
N ALA B 75 -21.08 40.52 10.66
CA ALA B 75 -22.46 40.26 10.20
C ALA B 75 -22.82 41.21 9.06
N ASN B 76 -21.78 41.64 8.35
CA ASN B 76 -21.87 42.59 7.26
C ASN B 76 -21.82 41.86 5.92
N LEU B 77 -21.21 40.69 5.93
CA LEU B 77 -21.05 39.85 4.75
C LEU B 77 -22.31 39.07 4.45
N LYS B 78 -22.72 39.07 3.17
CA LYS B 78 -23.96 38.38 2.78
C LYS B 78 -23.81 37.40 1.61
N VAL B 79 -22.69 37.48 0.89
CA VAL B 79 -22.40 36.53 -0.19
C VAL B 79 -20.92 36.20 -0.34
N ILE B 80 -20.63 34.90 -0.35
CA ILE B 80 -19.30 34.40 -0.70
C ILE B 80 -19.37 33.71 -2.06
N SER B 81 -18.56 34.19 -3.00
CA SER B 81 -18.54 33.66 -4.35
C SER B 81 -17.16 33.06 -4.65
N THR B 82 -17.11 31.74 -4.85
CA THR B 82 -15.86 31.07 -5.16
C THR B 82 -15.69 30.78 -6.66
N MET B 83 -14.46 30.89 -7.14
CA MET B 83 -14.14 30.60 -8.53
C MET B 83 -13.64 29.15 -8.67
N SER B 84 -14.55 28.20 -8.41
CA SER B 84 -14.22 26.78 -8.36
C SER B 84 -15.47 25.92 -8.23
N VAL B 85 -15.41 24.72 -8.80
CA VAL B 85 -16.47 23.73 -8.59
C VAL B 85 -16.35 23.12 -7.19
N GLY B 86 -15.10 23.01 -6.72
CA GLY B 86 -14.79 22.46 -5.40
C GLY B 86 -15.21 23.36 -4.25
N ILE B 87 -15.56 22.76 -3.12
CA ILE B 87 -16.22 23.49 -2.05
C ILE B 87 -15.56 23.37 -0.66
N ASP B 88 -14.72 22.35 -0.49
CA ASP B 88 -14.14 22.03 0.83
C ASP B 88 -12.98 22.93 1.25
N HIS B 89 -13.05 24.20 0.84
CA HIS B 89 -12.19 25.24 1.40
C HIS B 89 -13.03 26.24 2.21
N LEU B 90 -14.35 26.11 2.09
CA LEU B 90 -15.29 26.98 2.79
C LEU B 90 -15.96 26.22 3.93
N ALA B 91 -15.91 26.80 5.13
CA ALA B 91 -16.59 26.25 6.32
C ALA B 91 -18.11 26.29 6.15
N LEU B 92 -18.63 25.28 5.45
CA LEU B 92 -20.03 25.27 5.02
C LEU B 92 -21.01 25.21 6.19
N ASP B 93 -20.65 24.43 7.21
CA ASP B 93 -21.44 24.31 8.43
C ASP B 93 -21.62 25.69 9.06
N GLU B 94 -20.51 26.40 9.21
CA GLU B 94 -20.46 27.73 9.82
C GLU B 94 -21.11 28.82 8.96
N ILE B 95 -21.02 28.68 7.63
CA ILE B 95 -21.60 29.66 6.70
C ILE B 95 -23.14 29.66 6.71
N LYS B 96 -23.74 28.47 6.72
CA LYS B 96 -25.20 28.31 6.77
C LYS B 96 -25.80 28.91 8.04
N LYS B 97 -25.11 28.76 9.17
CA LYS B 97 -25.55 29.32 10.45
C LYS B 97 -25.56 30.86 10.43
N ARG B 98 -24.80 31.46 9.50
CA ARG B 98 -24.81 32.91 9.36
C ARG B 98 -25.79 33.41 8.28
N GLY B 99 -26.47 32.46 7.63
CA GLY B 99 -27.40 32.78 6.54
C GLY B 99 -26.72 33.49 5.37
N ILE B 100 -25.46 33.13 5.12
CA ILE B 100 -24.69 33.71 4.04
C ILE B 100 -24.85 32.83 2.79
N ARG B 101 -24.95 33.48 1.63
CA ARG B 101 -25.16 32.79 0.37
C ARG B 101 -23.83 32.44 -0.30
N VAL B 102 -23.77 31.26 -0.89
CA VAL B 102 -22.54 30.74 -1.51
C VAL B 102 -22.70 30.59 -3.03
N GLY B 103 -21.74 31.13 -3.77
CA GLY B 103 -21.67 30.94 -5.22
C GLY B 103 -20.48 30.09 -5.60
N TYR B 104 -20.66 29.25 -6.61
CA TYR B 104 -19.61 28.35 -7.11
C TYR B 104 -19.83 28.04 -8.59
N THR B 105 -18.83 27.42 -9.25
CA THR B 105 -18.87 27.27 -10.70
C THR B 105 -18.99 25.81 -11.21
N PRO B 106 -20.17 25.19 -11.09
CA PRO B 106 -20.32 23.88 -11.73
C PRO B 106 -20.64 24.02 -13.22
N ASP B 107 -20.62 22.89 -13.94
CA ASP B 107 -21.12 22.81 -15.33
C ASP B 107 -20.23 23.45 -16.40
N VAL B 108 -19.84 24.69 -16.13
CA VAL B 108 -19.03 25.51 -17.01
C VAL B 108 -17.63 24.91 -17.28
N LEU B 109 -17.08 24.26 -16.25
CA LEU B 109 -15.74 23.69 -16.33
C LEU B 109 -15.72 22.19 -16.56
N THR B 110 -16.88 21.62 -16.88
CA THR B 110 -17.02 20.17 -17.03
C THR B 110 -16.27 19.58 -18.23
N ASP B 111 -16.68 19.92 -19.46
CA ASP B 111 -16.04 19.40 -20.66
C ASP B 111 -14.52 19.57 -20.63
N THR B 112 -14.07 20.72 -20.13
CA THR B 112 -12.65 21.07 -20.06
C THR B 112 -11.89 20.20 -19.07
N THR B 113 -12.56 19.85 -17.97
CA THR B 113 -11.93 19.05 -16.92
C THR B 113 -11.85 17.61 -17.35
N ALA B 114 -12.96 17.07 -17.85
CA ALA B 114 -12.97 15.72 -18.45
C ALA B 114 -11.90 15.61 -19.53
N GLU B 115 -11.83 16.64 -20.37
CA GLU B 115 -10.81 16.75 -21.41
C GLU B 115 -9.41 16.58 -20.85
N LEU B 116 -9.11 17.21 -19.71
CA LEU B 116 -7.80 17.08 -19.11
C LEU B 116 -7.55 15.69 -18.56
N ALA B 117 -8.60 15.06 -18.04
CA ALA B 117 -8.51 13.70 -17.53
C ALA B 117 -8.09 12.75 -18.63
N VAL B 118 -8.72 12.89 -19.80
CA VAL B 118 -8.41 12.00 -20.92
C VAL B 118 -7.02 12.32 -21.47
N SER B 119 -6.63 13.60 -21.37
CA SER B 119 -5.28 14.05 -21.74
C SER B 119 -4.26 13.36 -20.88
N LEU B 120 -4.52 13.37 -19.57
CA LEU B 120 -3.62 12.78 -18.60
C LEU B 120 -3.58 11.26 -18.75
N LEU B 121 -4.74 10.67 -18.99
CA LEU B 121 -4.84 9.22 -19.24
C LEU B 121 -4.01 8.77 -20.44
N LEU B 122 -4.19 9.43 -21.59
CA LEU B 122 -3.46 9.08 -22.79
C LEU B 122 -1.95 9.33 -22.65
N THR B 123 -1.58 10.52 -22.20
CA THR B 123 -0.19 10.87 -21.96
C THR B 123 0.55 9.80 -21.17
N THR B 124 -0.07 9.28 -20.12
CA THR B 124 0.57 8.31 -19.22
C THR B 124 0.66 6.92 -19.84
N CYS B 125 -0.48 6.37 -20.26
CA CYS B 125 -0.58 5.02 -20.81
C CYS B 125 0.18 4.87 -22.13
N ARG B 126 0.40 5.99 -22.83
CA ARG B 126 1.14 5.94 -24.09
C ARG B 126 2.56 6.46 -23.96
N ARG B 127 2.98 6.69 -22.71
CA ARG B 127 4.39 6.95 -22.34
C ARG B 127 5.03 8.15 -23.04
N LEU B 128 4.23 9.17 -23.31
CA LEU B 128 4.70 10.37 -23.99
C LEU B 128 5.84 11.08 -23.26
N PRO B 129 5.75 11.27 -21.93
CA PRO B 129 6.85 11.97 -21.27
C PRO B 129 8.19 11.24 -21.42
N GLU B 130 8.16 9.92 -21.31
CA GLU B 130 9.34 9.09 -21.58
C GLU B 130 9.85 9.30 -23.00
N ALA B 131 8.92 9.26 -23.96
CA ALA B 131 9.25 9.35 -25.37
C ALA B 131 9.89 10.70 -25.70
N ILE B 132 9.28 11.79 -25.23
CA ILE B 132 9.82 13.14 -25.37
C ILE B 132 11.27 13.19 -24.92
N GLU B 133 11.55 12.61 -23.75
CA GLU B 133 12.90 12.59 -23.22
C GLU B 133 13.90 11.79 -24.06
N GLU B 134 13.44 10.66 -24.61
CA GLU B 134 14.29 9.79 -25.44
C GLU B 134 14.80 10.46 -26.72
N VAL B 135 14.07 11.46 -27.22
CA VAL B 135 14.55 12.18 -28.39
C VAL B 135 15.55 13.22 -27.93
N LYS B 136 15.35 13.75 -26.74
CA LYS B 136 16.24 14.79 -26.22
C LYS B 136 17.53 14.22 -25.62
N ASN B 137 17.49 12.97 -25.17
CA ASN B 137 18.64 12.37 -24.49
C ASN B 137 19.48 11.42 -25.33
N GLY B 138 19.14 11.28 -26.62
CA GLY B 138 19.87 10.40 -27.52
C GLY B 138 19.43 8.95 -27.49
N GLY B 139 18.28 8.67 -26.87
CA GLY B 139 17.71 7.31 -26.84
C GLY B 139 17.20 6.83 -28.20
N TRP B 140 16.61 7.74 -28.96
CA TRP B 140 16.09 7.45 -30.32
C TRP B 140 17.21 7.23 -31.31
N THR B 141 17.37 5.99 -31.76
CA THR B 141 18.42 5.65 -32.73
C THR B 141 17.79 5.21 -34.05
N SER B 142 16.59 4.63 -33.93
CA SER B 142 15.85 4.15 -35.07
C SER B 142 14.42 3.83 -34.66
N TRP B 143 13.62 3.47 -35.66
CA TRP B 143 12.35 2.82 -35.42
C TRP B 143 12.66 1.39 -34.92
N LYS B 144 12.09 1.06 -33.77
CA LYS B 144 12.26 -0.27 -33.17
C LYS B 144 10.89 -0.89 -32.87
N PRO B 145 10.65 -2.13 -33.35
CA PRO B 145 9.37 -2.84 -33.20
C PRO B 145 8.82 -2.88 -31.78
N LEU B 146 9.68 -2.94 -30.76
CA LEU B 146 9.21 -3.17 -29.40
C LEU B 146 9.60 -2.13 -28.36
N TRP B 147 9.76 -0.87 -28.78
CA TRP B 147 10.33 0.16 -27.92
C TRP B 147 9.34 1.29 -27.62
N LEU B 148 9.15 1.56 -26.33
CA LEU B 148 8.15 2.53 -25.85
C LEU B 148 6.71 2.10 -26.19
N CYS B 149 6.43 0.81 -26.02
CA CYS B 149 5.08 0.30 -26.18
C CYS B 149 4.28 0.65 -24.94
N GLY B 150 3.12 1.27 -25.17
CA GLY B 150 2.21 1.62 -24.09
C GLY B 150 0.99 0.72 -24.04
N TYR B 151 -0.02 1.17 -23.30
CA TYR B 151 -1.26 0.44 -23.11
C TYR B 151 -2.40 1.22 -23.76
N GLY B 152 -3.02 0.63 -24.79
CA GLY B 152 -4.13 1.29 -25.49
C GLY B 152 -5.48 0.98 -24.86
N LEU B 153 -6.50 1.69 -25.34
CA LEU B 153 -7.88 1.54 -24.84
C LEU B 153 -8.69 0.46 -25.58
N THR B 154 -8.25 0.09 -26.78
CA THR B 154 -9.01 -0.86 -27.60
C THR B 154 -9.24 -2.16 -26.83
N GLN B 155 -10.51 -2.45 -26.59
CA GLN B 155 -10.97 -3.64 -25.87
C GLN B 155 -10.53 -3.64 -24.41
N SER B 156 -10.53 -2.46 -23.80
CA SER B 156 -10.17 -2.30 -22.41
C SER B 156 -11.42 -2.25 -21.55
N THR B 157 -11.19 -2.36 -20.24
CA THR B 157 -12.22 -2.10 -19.26
C THR B 157 -11.77 -0.88 -18.47
N VAL B 158 -12.52 0.21 -18.56
CA VAL B 158 -12.17 1.40 -17.76
C VAL B 158 -13.17 1.63 -16.62
N GLY B 159 -12.62 1.82 -15.43
CA GLY B 159 -13.42 2.04 -14.21
C GLY B 159 -13.34 3.48 -13.73
N ILE B 160 -14.51 4.07 -13.53
CA ILE B 160 -14.61 5.44 -13.08
C ILE B 160 -15.12 5.46 -11.65
N ILE B 161 -14.38 6.16 -10.79
CA ILE B 161 -14.79 6.36 -9.40
C ILE B 161 -15.42 7.73 -9.29
N GLY B 162 -16.74 7.77 -9.40
CA GLY B 162 -17.50 9.00 -9.34
C GLY B 162 -18.10 9.34 -10.68
N LEU B 163 -19.19 8.65 -11.05
CA LEU B 163 -19.84 8.87 -12.35
C LEU B 163 -20.79 10.08 -12.32
N GLY B 164 -20.30 11.20 -11.78
CA GLY B 164 -21.07 12.43 -11.78
C GLY B 164 -21.02 13.10 -13.13
N ARG B 165 -21.27 14.40 -13.16
CA ARG B 165 -21.21 15.16 -14.41
C ARG B 165 -19.85 15.09 -15.07
N ILE B 166 -18.78 15.15 -14.27
CA ILE B 166 -17.41 15.08 -14.81
C ILE B 166 -17.02 13.68 -15.31
N GLY B 167 -17.26 12.64 -14.52
CA GLY B 167 -16.98 11.25 -14.91
C GLY B 167 -17.71 10.79 -16.17
N GLN B 168 -18.95 11.23 -16.31
CA GLN B 168 -19.75 10.95 -17.51
C GLN B 168 -19.09 11.54 -18.76
N ALA B 169 -18.60 12.77 -18.64
CA ALA B 169 -17.95 13.46 -19.75
C ALA B 169 -16.66 12.74 -20.14
N ILE B 170 -16.04 12.10 -19.15
CA ILE B 170 -14.85 11.29 -19.37
C ILE B 170 -15.20 10.04 -20.16
N ALA B 171 -16.26 9.35 -19.74
CA ALA B 171 -16.72 8.14 -20.41
C ALA B 171 -17.13 8.45 -21.86
N ARG B 172 -17.95 9.49 -22.02
CA ARG B 172 -18.36 9.94 -23.34
C ARG B 172 -17.16 10.07 -24.30
N ARG B 173 -16.10 10.72 -23.83
CA ARG B 173 -14.89 10.91 -24.60
C ARG B 173 -14.08 9.63 -24.80
N LEU B 174 -14.11 8.74 -23.81
CA LEU B 174 -13.34 7.49 -23.91
C LEU B 174 -14.03 6.44 -24.80
N LYS B 175 -15.33 6.56 -24.98
CA LYS B 175 -16.15 5.60 -25.72
C LYS B 175 -15.64 5.25 -27.14
N PRO B 176 -15.34 6.27 -27.98
CA PRO B 176 -14.91 5.93 -29.34
C PRO B 176 -13.44 5.47 -29.45
N PHE B 177 -12.78 5.27 -28.31
CA PHE B 177 -11.43 4.71 -28.29
C PHE B 177 -11.45 3.19 -28.30
N GLY B 178 -12.65 2.60 -28.36
CA GLY B 178 -12.82 1.16 -28.43
C GLY B 178 -12.89 0.47 -27.08
N VAL B 179 -13.27 1.19 -26.04
CA VAL B 179 -13.51 0.61 -24.72
C VAL B 179 -14.70 -0.32 -24.85
N GLN B 180 -14.62 -1.50 -24.23
CA GLN B 180 -15.74 -2.46 -24.33
C GLN B 180 -16.57 -2.66 -23.06
N ARG B 181 -16.02 -2.25 -21.90
CA ARG B 181 -16.77 -2.27 -20.64
C ARG B 181 -16.46 -1.04 -19.81
N PHE B 182 -17.51 -0.32 -19.44
CA PHE B 182 -17.40 0.77 -18.48
C PHE B 182 -17.95 0.25 -17.16
N LEU B 183 -17.20 0.46 -16.10
CA LEU B 183 -17.64 0.12 -14.76
C LEU B 183 -17.54 1.37 -13.93
N TYR B 184 -18.37 1.45 -12.90
CA TYR B 184 -18.33 2.57 -11.98
C TYR B 184 -18.76 2.21 -10.55
N THR B 185 -18.37 3.07 -9.62
CA THR B 185 -18.67 2.88 -8.22
C THR B 185 -18.96 4.23 -7.59
N GLY B 186 -19.65 4.20 -6.45
CA GLY B 186 -20.12 5.39 -5.74
C GLY B 186 -21.10 4.99 -4.63
N ARG B 187 -21.67 5.98 -3.94
CA ARG B 187 -22.64 5.73 -2.86
C ARG B 187 -23.98 5.21 -3.41
N GLN B 188 -24.46 5.86 -4.47
CA GLN B 188 -25.69 5.46 -5.16
C GLN B 188 -25.41 5.26 -6.65
N PRO B 189 -26.17 4.36 -7.30
CA PRO B 189 -26.05 4.20 -8.75
C PRO B 189 -26.71 5.36 -9.50
N ARG B 190 -26.44 5.46 -10.81
CA ARG B 190 -27.08 6.46 -11.67
C ARG B 190 -27.59 5.82 -12.96
N PRO B 191 -28.76 5.14 -12.89
CA PRO B 191 -29.29 4.32 -13.98
C PRO B 191 -29.34 5.03 -15.34
N GLU B 192 -30.13 6.11 -15.45
CA GLU B 192 -30.38 6.76 -16.74
C GLU B 192 -29.11 7.30 -17.40
N GLU B 193 -28.21 7.87 -16.58
CA GLU B 193 -26.98 8.48 -17.09
C GLU B 193 -25.94 7.45 -17.48
N ALA B 194 -25.92 6.33 -16.76
CA ALA B 194 -24.97 5.25 -17.00
C ALA B 194 -25.24 4.49 -18.29
N ALA B 195 -26.49 4.53 -18.76
CA ALA B 195 -26.91 3.78 -19.95
C ALA B 195 -26.31 4.27 -21.26
N GLU B 196 -25.84 5.52 -21.31
CA GLU B 196 -25.19 6.06 -22.50
C GLU B 196 -23.86 5.34 -22.79
N PHE B 197 -23.30 4.71 -21.76
CA PHE B 197 -22.05 3.97 -21.89
C PHE B 197 -22.18 2.53 -21.39
N GLN B 198 -23.43 2.12 -21.13
CA GLN B 198 -23.73 0.81 -20.51
C GLN B 198 -22.86 0.57 -19.30
N ALA B 199 -22.69 1.60 -18.47
CA ALA B 199 -21.82 1.52 -17.30
C ALA B 199 -22.45 0.67 -16.21
N GLU B 200 -21.66 -0.25 -15.67
CA GLU B 200 -22.15 -1.19 -14.66
C GLU B 200 -21.70 -0.75 -13.27
N PHE B 201 -22.67 -0.64 -12.36
CA PHE B 201 -22.40 -0.32 -10.97
C PHE B 201 -21.82 -1.55 -10.28
N VAL B 202 -20.65 -1.40 -9.67
CA VAL B 202 -19.94 -2.52 -9.05
C VAL B 202 -19.30 -2.18 -7.70
N SER B 203 -18.83 -3.20 -6.99
CA SER B 203 -18.08 -2.99 -5.74
C SER B 203 -16.68 -2.47 -6.03
N THR B 204 -16.10 -1.76 -5.07
CA THR B 204 -14.75 -1.23 -5.21
C THR B 204 -13.73 -2.35 -5.52
N PRO B 205 -13.78 -3.47 -4.76
CA PRO B 205 -12.94 -4.61 -5.13
C PRO B 205 -13.13 -5.03 -6.58
N GLU B 206 -14.38 -5.31 -6.99
CA GLU B 206 -14.69 -5.68 -8.37
C GLU B 206 -14.05 -4.75 -9.42
N LEU B 207 -14.15 -3.44 -9.18
CA LEU B 207 -13.65 -2.44 -10.13
C LEU B 207 -12.12 -2.47 -10.21
N ALA B 208 -11.48 -2.59 -9.05
CA ALA B 208 -10.04 -2.69 -8.96
C ALA B 208 -9.52 -3.95 -9.64
N ALA B 209 -10.26 -5.05 -9.51
CA ALA B 209 -9.83 -6.32 -10.08
C ALA B 209 -9.99 -6.42 -11.60
N GLN B 210 -11.02 -5.76 -12.15
CA GLN B 210 -11.36 -5.96 -13.57
C GLN B 210 -10.80 -4.92 -14.52
N SER B 211 -10.59 -3.70 -14.02
CA SER B 211 -10.25 -2.57 -14.88
C SER B 211 -8.85 -2.63 -15.46
N ASP B 212 -8.67 -1.96 -16.58
CA ASP B 212 -7.34 -1.75 -17.16
C ASP B 212 -6.93 -0.29 -16.89
N PHE B 213 -7.93 0.55 -16.66
CA PHE B 213 -7.74 1.96 -16.38
C PHE B 213 -8.72 2.38 -15.30
N ILE B 214 -8.22 3.09 -14.29
CA ILE B 214 -9.08 3.62 -13.22
C ILE B 214 -8.98 5.13 -13.17
N VAL B 215 -10.13 5.79 -13.18
CA VAL B 215 -10.20 7.26 -13.10
C VAL B 215 -11.03 7.73 -11.90
N VAL B 216 -10.38 8.41 -10.97
CA VAL B 216 -11.09 8.99 -9.84
C VAL B 216 -11.49 10.43 -10.17
N ALA B 217 -12.79 10.65 -10.28
CA ALA B 217 -13.34 11.97 -10.61
C ALA B 217 -14.41 12.42 -9.59
N CYS B 218 -14.29 11.95 -8.35
CA CYS B 218 -15.39 12.00 -7.37
C CYS B 218 -15.94 13.40 -7.09
N GLY B 226 -8.74 8.16 3.09
CA GLY B 226 -8.03 7.94 1.85
C GLY B 226 -8.23 6.55 1.30
N LEU B 227 -9.30 6.37 0.52
CA LEU B 227 -9.67 5.08 -0.08
C LEU B 227 -8.52 4.39 -0.84
N CYS B 228 -8.02 5.06 -1.87
CA CYS B 228 -7.05 4.46 -2.80
C CYS B 228 -5.67 4.27 -2.16
N ASN B 229 -5.52 3.13 -1.50
CA ASN B 229 -4.36 2.79 -0.68
C ASN B 229 -3.73 1.45 -1.06
N LYS B 230 -2.89 0.92 -0.18
CA LYS B 230 -2.24 -0.38 -0.36
C LYS B 230 -3.25 -1.45 -0.78
N ASP B 231 -4.33 -1.58 -0.02
CA ASP B 231 -5.38 -2.56 -0.29
C ASP B 231 -5.90 -2.43 -1.73
N PHE B 232 -6.14 -1.20 -2.14
CA PHE B 232 -6.66 -0.91 -3.47
C PHE B 232 -5.66 -1.30 -4.55
N PHE B 233 -4.47 -0.72 -4.51
CA PHE B 233 -3.44 -0.97 -5.53
C PHE B 233 -3.00 -2.44 -5.66
N GLN B 234 -3.09 -3.19 -4.56
CA GLN B 234 -2.79 -4.62 -4.55
C GLN B 234 -3.82 -5.43 -5.36
N LYS B 235 -5.07 -5.00 -5.35
CA LYS B 235 -6.13 -5.69 -6.10
C LYS B 235 -6.08 -5.40 -7.61
N MET B 236 -5.61 -4.20 -7.98
CA MET B 236 -5.53 -3.77 -9.37
C MET B 236 -4.62 -4.68 -10.18
N LYS B 237 -4.87 -4.74 -11.49
CA LYS B 237 -4.00 -5.47 -12.42
C LYS B 237 -2.61 -4.86 -12.44
N GLU B 238 -1.58 -5.69 -12.60
CA GLU B 238 -0.21 -5.19 -12.64
C GLU B 238 0.07 -4.38 -13.92
N THR B 239 -0.80 -4.52 -14.91
CA THR B 239 -0.75 -3.75 -16.15
C THR B 239 -1.61 -2.49 -16.10
N ALA B 240 -2.38 -2.31 -15.04
CA ALA B 240 -3.37 -1.24 -14.95
C ALA B 240 -2.78 0.16 -14.72
N VAL B 241 -3.50 1.17 -15.17
CA VAL B 241 -3.09 2.58 -15.02
C VAL B 241 -4.08 3.33 -14.11
N PHE B 242 -3.55 4.09 -13.16
CA PHE B 242 -4.37 4.79 -12.18
C PHE B 242 -4.31 6.30 -12.34
N ILE B 243 -5.47 6.93 -12.51
CA ILE B 243 -5.58 8.36 -12.80
C ILE B 243 -6.50 9.05 -11.78
N ASN B 244 -5.99 10.11 -11.14
CA ASN B 244 -6.77 10.87 -10.15
C ASN B 244 -6.75 12.36 -10.45
N ILE B 245 -7.95 12.93 -10.57
CA ILE B 245 -8.13 14.35 -10.87
C ILE B 245 -9.02 15.04 -9.85
N SER B 246 -9.35 14.38 -8.74
CA SER B 246 -10.33 14.90 -7.80
C SER B 246 -9.71 15.68 -6.63
N ARG B 247 -9.30 14.95 -5.59
CA ARG B 247 -8.58 15.49 -4.45
C ARG B 247 -7.42 14.57 -4.20
N GLY B 248 -6.32 15.14 -3.69
CA GLY B 248 -5.16 14.35 -3.24
C GLY B 248 -5.48 13.43 -2.07
N ASP B 249 -6.39 13.88 -1.21
CA ASP B 249 -6.76 13.13 0.00
C ASP B 249 -7.40 11.76 -0.23
N VAL B 250 -7.71 11.39 -1.48
CA VAL B 250 -8.19 10.02 -1.74
C VAL B 250 -7.05 9.03 -1.99
N VAL B 251 -5.85 9.54 -2.24
CA VAL B 251 -4.69 8.70 -2.49
C VAL B 251 -3.71 8.72 -1.31
N ASN B 252 -3.38 7.52 -0.81
CA ASN B 252 -2.29 7.34 0.14
C ASN B 252 -1.00 7.32 -0.66
N GLN B 253 -0.29 8.43 -0.63
CA GLN B 253 0.81 8.68 -1.58
C GLN B 253 2.01 7.74 -1.40
N ASP B 254 2.29 7.34 -0.17
CA ASP B 254 3.33 6.35 0.10
C ASP B 254 2.95 4.99 -0.48
N ASP B 255 1.69 4.59 -0.27
CA ASP B 255 1.18 3.34 -0.81
C ASP B 255 1.23 3.35 -2.33
N LEU B 256 0.85 4.49 -2.94
CA LEU B 256 0.95 4.65 -4.39
C LEU B 256 2.39 4.50 -4.86
N TYR B 257 3.30 5.18 -4.17
CA TYR B 257 4.73 5.15 -4.52
C TYR B 257 5.28 3.72 -4.44
N GLN B 258 4.94 3.01 -3.36
CA GLN B 258 5.35 1.62 -3.17
C GLN B 258 4.83 0.74 -4.32
N ALA B 259 3.58 0.99 -4.71
CA ALA B 259 2.95 0.24 -5.79
C ALA B 259 3.63 0.47 -7.14
N LEU B 260 3.93 1.74 -7.43
CA LEU B 260 4.58 2.10 -8.67
C LEU B 260 6.03 1.61 -8.71
N ALA B 261 6.71 1.64 -7.57
CA ALA B 261 8.09 1.16 -7.52
C ALA B 261 8.17 -0.35 -7.73
N SER B 262 7.34 -1.12 -7.04
CA SER B 262 7.43 -2.58 -7.10
C SER B 262 6.84 -3.21 -8.36
N GLY B 263 5.79 -2.60 -8.92
CA GLY B 263 5.15 -3.13 -10.11
C GLY B 263 3.78 -3.74 -9.84
N LYS B 264 3.17 -3.37 -8.72
CA LYS B 264 1.82 -3.79 -8.41
C LYS B 264 0.81 -3.13 -9.36
N ILE B 265 1.21 -2.02 -9.95
CA ILE B 265 0.50 -1.39 -11.07
C ILE B 265 1.52 -0.79 -12.05
N ALA B 266 1.07 -0.48 -13.26
CA ALA B 266 1.95 -0.06 -14.34
C ALA B 266 2.38 1.40 -14.25
N ALA B 267 1.41 2.30 -14.08
CA ALA B 267 1.68 3.74 -14.17
C ALA B 267 0.56 4.55 -13.54
N ALA B 268 0.90 5.77 -13.10
CA ALA B 268 -0.10 6.66 -12.54
C ALA B 268 -0.02 8.05 -13.15
N GLY B 269 -1.17 8.74 -13.15
CA GLY B 269 -1.28 10.13 -13.58
C GLY B 269 -2.08 10.96 -12.59
N LEU B 270 -1.48 12.05 -12.11
CA LEU B 270 -2.11 12.87 -11.07
C LEU B 270 -2.21 14.36 -11.45
N ASP B 271 -3.44 14.88 -11.41
CA ASP B 271 -3.68 16.32 -11.53
C ASP B 271 -3.86 16.99 -10.16
N VAL B 272 -3.96 16.19 -9.11
CA VAL B 272 -4.11 16.70 -7.74
C VAL B 272 -3.20 15.94 -6.79
N THR B 273 -2.63 16.65 -5.83
CA THR B 273 -1.67 16.04 -4.92
C THR B 273 -1.89 16.49 -3.48
N SER B 274 -1.23 15.79 -2.55
CA SER B 274 -1.21 16.16 -1.15
C SER B 274 0.22 16.35 -0.71
N PRO B 275 0.60 17.60 -0.40
CA PRO B 275 -0.21 18.81 -0.57
C PRO B 275 -0.08 19.40 -1.98
N GLU B 276 -0.71 20.57 -2.17
CA GLU B 276 -0.54 21.35 -3.39
C GLU B 276 0.08 22.71 -3.06
N PRO B 277 1.28 22.99 -3.62
CA PRO B 277 2.02 22.15 -4.58
C PRO B 277 2.88 21.06 -3.93
N LEU B 278 3.13 19.98 -4.67
CA LEU B 278 4.10 18.97 -4.26
C LEU B 278 5.47 19.62 -4.10
N PRO B 279 6.19 19.28 -3.03
CA PRO B 279 7.58 19.72 -2.94
C PRO B 279 8.38 19.07 -4.08
N THR B 280 9.30 19.82 -4.69
CA THR B 280 10.07 19.34 -5.84
C THR B 280 10.90 18.08 -5.58
N ASN B 281 11.17 17.80 -4.30
CA ASN B 281 11.97 16.64 -3.92
C ASN B 281 11.13 15.53 -3.31
N HIS B 282 9.84 15.53 -3.63
CA HIS B 282 8.93 14.50 -3.17
C HIS B 282 9.24 13.16 -3.86
N PRO B 283 9.12 12.03 -3.13
CA PRO B 283 9.32 10.71 -3.71
C PRO B 283 8.66 10.49 -5.09
N LEU B 284 7.38 10.84 -5.24
CA LEU B 284 6.64 10.55 -6.49
C LEU B 284 7.25 11.18 -7.76
N LEU B 285 7.99 12.28 -7.58
CA LEU B 285 8.68 12.92 -8.70
C LEU B 285 9.96 12.19 -9.10
N THR B 286 10.38 11.19 -8.32
CA THR B 286 11.55 10.39 -8.70
C THR B 286 11.19 9.15 -9.54
N LEU B 287 9.90 8.99 -9.85
CA LEU B 287 9.41 7.82 -10.59
C LEU B 287 9.10 8.09 -12.06
N LYS B 288 9.58 7.21 -12.94
CA LYS B 288 9.38 7.38 -14.39
C LYS B 288 7.96 7.01 -14.82
N ASN B 289 7.32 6.12 -14.08
CA ASN B 289 5.95 5.71 -14.38
C ASN B 289 4.89 6.51 -13.61
N CYS B 290 5.23 7.72 -13.21
CA CYS B 290 4.28 8.61 -12.53
C CYS B 290 4.28 10.03 -13.12
N VAL B 291 3.16 10.41 -13.71
CA VAL B 291 3.00 11.75 -14.28
C VAL B 291 2.23 12.64 -13.30
N ILE B 292 2.81 13.78 -12.97
CA ILE B 292 2.18 14.74 -12.05
C ILE B 292 1.97 16.08 -12.74
N LEU B 293 0.71 16.50 -12.84
CA LEU B 293 0.32 17.81 -13.33
C LEU B 293 -0.04 18.73 -12.16
N PRO B 294 0.17 20.05 -12.32
CA PRO B 294 -0.08 21.04 -11.25
C PRO B 294 -1.52 21.56 -11.15
N HIS B 295 -2.50 20.67 -11.17
CA HIS B 295 -3.93 21.03 -11.06
C HIS B 295 -4.37 21.96 -12.20
N ILE B 296 -4.32 21.45 -13.42
CA ILE B 296 -4.66 22.22 -14.62
C ILE B 296 -5.94 21.73 -15.31
N GLY B 297 -6.77 21.00 -14.56
CA GLY B 297 -8.05 20.50 -15.06
C GLY B 297 -8.89 21.50 -15.84
N SER B 298 -9.05 22.71 -15.31
CA SER B 298 -9.89 23.69 -15.96
C SER B 298 -9.10 24.84 -16.60
N ALA B 299 -7.86 24.56 -17.00
CA ALA B 299 -6.98 25.61 -17.52
C ALA B 299 -7.00 25.75 -19.05
N THR B 300 -8.05 26.38 -19.55
CA THR B 300 -8.08 26.89 -20.91
C THR B 300 -8.58 28.32 -20.80
N HIS B 301 -8.30 29.12 -21.81
CA HIS B 301 -8.67 30.53 -21.78
C HIS B 301 -10.17 30.70 -21.66
N ARG B 302 -10.93 30.06 -22.54
CA ARG B 302 -12.38 30.16 -22.57
C ARG B 302 -13.04 29.75 -21.24
N THR B 303 -12.60 28.63 -20.66
CA THR B 303 -13.17 28.18 -19.39
C THR B 303 -12.82 29.11 -18.23
N ARG B 304 -11.54 29.45 -18.09
CA ARG B 304 -11.10 30.31 -17.00
C ARG B 304 -11.80 31.67 -16.99
N ASN B 305 -12.08 32.19 -18.19
CA ASN B 305 -12.78 33.46 -18.30
C ASN B 305 -14.26 33.37 -17.95
N THR B 306 -14.88 32.27 -18.36
CA THR B 306 -16.26 31.96 -17.98
C THR B 306 -16.41 31.85 -16.46
N MET B 307 -15.53 31.08 -15.83
CA MET B 307 -15.51 30.91 -14.37
C MET B 307 -15.43 32.26 -13.68
N SER B 308 -14.57 33.12 -14.19
CA SER B 308 -14.42 34.47 -13.71
C SER B 308 -15.75 35.21 -13.75
N LEU B 309 -16.39 35.22 -14.92
CA LEU B 309 -17.62 35.98 -15.17
C LEU B 309 -18.81 35.39 -14.40
N LEU B 310 -18.76 34.09 -14.15
CA LEU B 310 -19.80 33.42 -13.38
C LEU B 310 -19.64 33.74 -11.90
N ALA B 311 -18.39 33.77 -11.44
CA ALA B 311 -18.09 34.13 -10.06
C ALA B 311 -18.48 35.59 -9.79
N ALA B 312 -18.18 36.46 -10.75
CA ALA B 312 -18.54 37.86 -10.66
C ALA B 312 -20.06 38.05 -10.62
N ASN B 313 -20.77 37.41 -11.55
CA ASN B 313 -22.23 37.46 -11.58
C ASN B 313 -22.92 36.85 -10.34
N ASN B 314 -22.34 35.79 -9.79
CA ASN B 314 -22.86 35.17 -8.56
C ASN B 314 -22.80 36.17 -7.40
N LEU B 315 -21.65 36.81 -7.24
CA LEU B 315 -21.41 37.81 -6.21
C LEU B 315 -22.40 38.96 -6.33
N LEU B 316 -22.47 39.54 -7.53
CA LEU B 316 -23.42 40.62 -7.81
C LEU B 316 -24.86 40.24 -7.49
N ALA B 317 -25.30 39.06 -7.93
CA ALA B 317 -26.66 38.60 -7.68
C ALA B 317 -26.95 38.47 -6.18
N GLY B 318 -25.99 37.92 -5.45
CA GLY B 318 -26.07 37.77 -4.00
C GLY B 318 -26.19 39.09 -3.26
N LEU B 319 -25.35 40.06 -3.64
CA LEU B 319 -25.37 41.40 -3.08
C LEU B 319 -26.70 42.08 -3.35
N ARG B 320 -27.15 42.00 -4.60
CA ARG B 320 -28.38 42.67 -5.01
C ARG B 320 -29.65 41.94 -4.56
N GLY B 321 -29.49 40.75 -3.97
CA GLY B 321 -30.62 39.97 -3.45
C GLY B 321 -31.46 39.27 -4.51
N GLU B 322 -30.81 38.80 -5.57
CA GLU B 322 -31.49 38.19 -6.71
C GLU B 322 -31.17 36.69 -6.80
N PRO B 323 -31.93 35.93 -7.61
CA PRO B 323 -31.54 34.54 -7.86
C PRO B 323 -30.21 34.45 -8.61
N MET B 324 -29.31 33.58 -8.13
CA MET B 324 -27.95 33.48 -8.66
C MET B 324 -27.85 32.57 -9.88
N PRO B 325 -26.89 32.86 -10.79
CA PRO B 325 -26.66 31.96 -11.93
C PRO B 325 -26.44 30.51 -11.51
N SER B 326 -25.55 30.29 -10.52
CA SER B 326 -25.38 28.96 -9.94
C SER B 326 -25.05 29.03 -8.45
N GLU B 327 -26.09 29.00 -7.63
CA GLU B 327 -25.96 29.06 -6.18
C GLU B 327 -25.72 27.66 -5.64
N LEU B 328 -25.06 27.57 -4.49
CA LEU B 328 -24.91 26.30 -3.79
C LEU B 328 -25.92 26.20 -2.66
N LYS B 329 -26.44 25.00 -2.42
CA LYS B 329 -27.37 24.76 -1.33
C LYS B 329 -26.65 24.60 0.01
N LEU C 8 24.07 28.69 6.47
CA LEU C 8 23.18 27.65 7.08
C LEU C 8 23.69 26.24 6.81
N MET C 9 23.41 25.32 7.73
CA MET C 9 23.86 23.94 7.61
C MET C 9 22.75 23.05 7.07
N LYS C 10 23.05 22.35 5.99
CA LYS C 10 22.10 21.42 5.38
C LYS C 10 22.02 20.16 6.22
N VAL C 11 20.80 19.69 6.43
CA VAL C 11 20.53 18.45 7.13
C VAL C 11 19.65 17.61 6.22
N PHE C 12 19.96 16.31 6.11
CA PHE C 12 19.11 15.41 5.33
C PHE C 12 18.57 14.28 6.19
N VAL C 13 17.26 14.03 6.06
CA VAL C 13 16.58 12.98 6.79
C VAL C 13 16.08 11.95 5.78
N THR C 14 16.49 10.70 5.98
CA THR C 14 16.23 9.61 5.03
C THR C 14 14.80 9.02 5.10
N ARG C 15 13.97 9.56 5.99
CA ARG C 15 12.63 9.03 6.19
C ARG C 15 11.76 10.02 6.96
N ARG C 16 10.44 9.77 6.95
CA ARG C 16 9.54 10.50 7.83
C ARG C 16 9.70 9.89 9.21
N ILE C 17 10.22 10.67 10.14
CA ILE C 17 10.41 10.20 11.51
C ILE C 17 9.27 10.71 12.39
N PRO C 18 9.04 10.04 13.54
CA PRO C 18 8.03 10.48 14.49
C PRO C 18 8.06 11.98 14.80
N ALA C 19 6.89 12.53 15.14
CA ALA C 19 6.69 13.97 15.34
C ALA C 19 7.72 14.65 16.28
N GLU C 20 7.95 14.06 17.45
CA GLU C 20 8.83 14.68 18.45
C GLU C 20 10.23 14.99 17.94
N GLY C 21 10.80 14.10 17.15
CA GLY C 21 12.10 14.34 16.52
C GLY C 21 11.99 15.31 15.36
N ARG C 22 10.98 15.10 14.52
CA ARG C 22 10.71 15.96 13.37
C ARG C 22 10.53 17.43 13.79
N VAL C 23 9.79 17.65 14.87
CA VAL C 23 9.57 19.00 15.43
C VAL C 23 10.87 19.63 15.94
N ALA C 24 11.65 18.86 16.71
CA ALA C 24 12.92 19.35 17.26
C ALA C 24 13.85 19.89 16.16
N LEU C 25 13.84 19.21 15.01
CA LEU C 25 14.63 19.63 13.85
C LEU C 25 14.10 20.94 13.26
N ALA C 26 12.77 21.05 13.22
CA ALA C 26 12.12 22.24 12.67
C ALA C 26 12.44 23.50 13.50
N ARG C 27 12.53 23.34 14.82
CA ARG C 27 12.79 24.47 15.73
C ARG C 27 14.21 25.02 15.65
N ALA C 28 15.16 24.20 15.18
CA ALA C 28 16.57 24.59 15.11
C ALA C 28 16.81 25.67 14.05
N ALA C 29 17.16 26.86 14.52
CA ALA C 29 17.26 28.05 13.69
C ALA C 29 18.43 28.01 12.71
N ASP C 30 19.51 27.37 13.11
CA ASP C 30 20.75 27.32 12.32
C ASP C 30 20.79 26.20 11.25
N CYS C 31 19.62 25.71 10.84
CA CYS C 31 19.54 24.57 9.92
C CYS C 31 18.49 24.70 8.83
N GLU C 32 18.73 24.03 7.72
CA GLU C 32 17.72 23.80 6.69
C GLU C 32 17.50 22.29 6.58
N VAL C 33 16.31 21.84 6.97
CA VAL C 33 16.00 20.42 6.95
C VAL C 33 15.34 19.98 5.65
N GLU C 34 16.04 19.10 4.93
CA GLU C 34 15.50 18.45 3.75
C GLU C 34 15.24 16.98 4.08
N GLN C 35 14.15 16.44 3.55
CA GLN C 35 13.65 15.15 4.01
C GLN C 35 13.08 14.26 2.90
N TRP C 36 13.30 12.96 3.03
CA TRP C 36 12.64 11.97 2.17
C TRP C 36 11.26 11.68 2.74
N ASP C 37 10.27 12.44 2.30
CA ASP C 37 8.95 12.43 2.91
C ASP C 37 8.19 11.17 2.53
N SER C 38 8.51 10.08 3.23
CA SER C 38 7.86 8.78 3.01
C SER C 38 8.17 7.83 4.15
N ASP C 39 7.28 6.85 4.35
CA ASP C 39 7.58 5.74 5.25
C ASP C 39 8.25 4.59 4.49
N GLU C 40 8.34 4.72 3.17
CA GLU C 40 9.10 3.78 2.35
C GLU C 40 10.60 4.14 2.33
N PRO C 41 11.47 3.13 2.30
CA PRO C 41 12.91 3.38 2.30
C PRO C 41 13.37 4.09 1.04
N ILE C 42 14.33 4.99 1.20
CA ILE C 42 14.90 5.77 0.10
C ILE C 42 15.87 4.91 -0.70
N PRO C 43 15.67 4.82 -2.03
CA PRO C 43 16.65 4.09 -2.85
C PRO C 43 18.03 4.76 -2.83
N ALA C 44 19.07 3.93 -2.93
CA ALA C 44 20.46 4.39 -2.95
C ALA C 44 20.68 5.54 -3.93
N LYS C 45 20.16 5.40 -5.15
CA LYS C 45 20.25 6.45 -6.17
C LYS C 45 19.79 7.80 -5.66
N GLU C 46 18.72 7.79 -4.87
CA GLU C 46 18.13 9.03 -4.34
C GLU C 46 18.86 9.57 -3.12
N LEU C 47 19.39 8.65 -2.31
CA LEU C 47 20.17 9.00 -1.13
C LEU C 47 21.41 9.81 -1.54
N GLU C 48 22.03 9.39 -2.63
CA GLU C 48 23.20 10.06 -3.20
C GLU C 48 22.92 11.52 -3.54
N ARG C 49 21.82 11.77 -4.25
CA ARG C 49 21.40 13.14 -4.58
C ARG C 49 20.98 13.90 -3.32
N GLY C 50 20.49 13.17 -2.33
CA GLY C 50 20.00 13.74 -1.08
C GLY C 50 21.09 14.26 -0.15
N VAL C 51 22.15 13.48 0.04
CA VAL C 51 23.22 13.88 0.98
C VAL C 51 24.16 14.94 0.43
N ALA C 52 24.08 15.21 -0.87
CA ALA C 52 25.01 16.13 -1.55
C ALA C 52 25.21 17.42 -0.76
N GLY C 53 26.45 17.65 -0.31
CA GLY C 53 26.81 18.85 0.43
C GLY C 53 26.07 19.05 1.75
N ALA C 54 25.55 17.98 2.32
CA ALA C 54 24.86 18.04 3.61
C ALA C 54 25.85 18.00 4.76
N HIS C 55 25.63 18.86 5.77
CA HIS C 55 26.50 18.88 6.94
C HIS C 55 26.18 17.75 7.93
N GLY C 56 24.95 17.27 7.89
CA GLY C 56 24.49 16.22 8.80
C GLY C 56 23.47 15.28 8.18
N LEU C 57 23.52 14.02 8.61
CA LEU C 57 22.66 12.98 8.07
C LEU C 57 21.94 12.25 9.20
N LEU C 58 20.61 12.28 9.15
CA LEU C 58 19.81 11.44 10.04
C LEU C 58 19.30 10.26 9.21
N CYS C 59 19.77 9.07 9.55
CA CYS C 59 19.44 7.90 8.78
C CYS C 59 18.77 6.83 9.64
N LEU C 60 18.31 5.78 8.97
CA LEU C 60 17.65 4.65 9.59
C LEU C 60 18.46 3.41 9.27
N LEU C 61 18.27 2.36 10.07
CA LEU C 61 19.03 1.12 9.92
C LEU C 61 18.88 0.48 8.53
N SER C 62 17.87 0.93 7.78
CA SER C 62 17.64 0.49 6.41
C SER C 62 18.67 1.07 5.43
N ASP C 63 19.08 2.32 5.66
CA ASP C 63 19.97 3.04 4.74
C ASP C 63 21.43 2.62 4.91
N HIS C 64 21.97 1.94 3.91
CA HIS C 64 23.36 1.47 3.95
C HIS C 64 24.31 2.60 3.62
N VAL C 65 24.71 3.34 4.65
CA VAL C 65 25.62 4.49 4.53
C VAL C 65 27.08 4.05 4.36
N ASP C 66 27.47 3.78 3.12
CA ASP C 66 28.84 3.32 2.83
C ASP C 66 29.70 4.40 2.18
N LYS C 67 30.85 3.98 1.62
CA LYS C 67 31.78 4.88 0.95
C LYS C 67 31.15 5.63 -0.22
N ARG C 68 30.32 4.94 -1.00
CA ARG C 68 29.68 5.55 -2.16
C ARG C 68 28.86 6.77 -1.76
N ILE C 69 28.12 6.64 -0.65
CA ILE C 69 27.27 7.71 -0.14
C ILE C 69 28.08 8.80 0.56
N LEU C 70 29.11 8.39 1.31
CA LEU C 70 30.03 9.32 1.94
C LEU C 70 30.72 10.22 0.91
N ASP C 71 31.12 9.61 -0.21
CA ASP C 71 31.67 10.35 -1.34
C ASP C 71 30.67 11.36 -1.88
N ALA C 72 29.42 10.93 -2.03
CA ALA C 72 28.35 11.78 -2.56
C ALA C 72 28.10 13.05 -1.72
N ALA C 73 28.29 12.94 -0.41
CA ALA C 73 28.11 14.08 0.50
C ALA C 73 29.25 15.11 0.39
N GLY C 74 30.48 14.66 0.60
CA GLY C 74 31.65 15.53 0.49
C GLY C 74 32.19 16.03 1.83
N ALA C 75 33.07 17.02 1.76
CA ALA C 75 33.75 17.59 2.93
C ALA C 75 32.81 18.08 4.03
N ASN C 76 31.72 18.75 3.63
CA ASN C 76 30.74 19.31 4.56
C ASN C 76 30.25 18.39 5.69
N LEU C 77 30.21 17.08 5.43
CA LEU C 77 29.60 16.14 6.37
C LEU C 77 30.35 16.01 7.68
N LYS C 78 29.67 16.37 8.77
CA LYS C 78 30.27 16.39 10.10
C LYS C 78 29.69 15.32 11.05
N VAL C 79 28.40 15.02 10.91
CA VAL C 79 27.72 14.07 11.80
C VAL C 79 26.77 13.10 11.09
N ILE C 80 26.81 11.83 11.48
CA ILE C 80 25.79 10.87 11.07
C ILE C 80 25.01 10.39 12.29
N SER C 81 23.78 10.84 12.43
CA SER C 81 22.92 10.39 13.52
C SER C 81 21.93 9.33 13.05
N THR C 82 22.14 8.09 13.49
CA THR C 82 21.21 7.01 13.20
C THR C 82 20.20 6.79 14.34
N MET C 83 18.94 6.58 13.96
CA MET C 83 17.84 6.36 14.88
C MET C 83 17.75 4.87 15.21
N SER C 84 18.80 4.34 15.81
CA SER C 84 18.93 2.92 16.12
C SER C 84 20.07 2.66 17.10
N VAL C 85 19.95 1.53 17.80
CA VAL C 85 21.02 1.02 18.65
C VAL C 85 21.98 0.16 17.81
N GLY C 86 21.43 -0.58 16.85
CA GLY C 86 22.21 -1.37 15.91
C GLY C 86 22.92 -0.45 14.93
N ILE C 87 24.12 -0.84 14.52
CA ILE C 87 24.99 0.08 13.79
C ILE C 87 25.72 -0.53 12.58
N ASP C 88 25.44 -1.81 12.31
CA ASP C 88 26.07 -2.55 11.21
C ASP C 88 25.83 -1.99 9.80
N HIS C 89 24.84 -1.11 9.67
CA HIS C 89 24.51 -0.50 8.39
C HIS C 89 25.43 0.68 8.07
N LEU C 90 26.17 1.13 9.07
CA LEU C 90 27.18 2.18 8.86
C LEU C 90 28.56 1.59 8.60
N ALA C 91 29.25 2.13 7.60
CA ALA C 91 30.64 1.75 7.33
C ALA C 91 31.58 2.55 8.25
N LEU C 92 31.73 2.05 9.48
CA LEU C 92 32.45 2.77 10.55
C LEU C 92 33.91 3.09 10.22
N ASP C 93 34.62 2.14 9.60
CA ASP C 93 36.01 2.30 9.23
C ASP C 93 36.29 3.59 8.46
N GLU C 94 35.47 3.87 7.45
CA GLU C 94 35.65 5.05 6.60
C GLU C 94 35.10 6.31 7.24
N ILE C 95 34.07 6.17 8.08
CA ILE C 95 33.54 7.29 8.85
C ILE C 95 34.60 7.82 9.83
N LYS C 96 35.28 6.89 10.50
CA LYS C 96 36.39 7.22 11.40
C LYS C 96 37.53 7.91 10.64
N LYS C 97 37.78 7.42 9.41
CA LYS C 97 38.84 7.95 8.54
C LYS C 97 38.65 9.44 8.19
N ARG C 98 37.40 9.89 8.12
CA ARG C 98 37.06 11.28 7.76
C ARG C 98 36.76 12.19 8.95
N GLY C 99 36.86 11.64 10.17
CA GLY C 99 36.60 12.38 11.40
C GLY C 99 35.15 12.79 11.58
N ILE C 100 34.24 11.94 11.10
CA ILE C 100 32.80 12.17 11.22
C ILE C 100 32.30 11.53 12.52
N ARG C 101 31.49 12.28 13.27
CA ARG C 101 30.91 11.81 14.52
C ARG C 101 29.65 10.99 14.28
N VAL C 102 29.45 9.96 15.09
CA VAL C 102 28.30 9.07 14.94
C VAL C 102 27.48 8.99 16.24
N GLY C 103 26.18 9.25 16.10
CA GLY C 103 25.25 9.09 17.21
C GLY C 103 24.26 7.98 16.97
N TYR C 104 23.81 7.38 18.07
CA TYR C 104 22.89 6.24 18.02
C TYR C 104 21.92 6.28 19.20
N THR C 105 21.06 5.26 19.31
CA THR C 105 20.00 5.27 20.32
C THR C 105 19.95 4.00 21.16
N PRO C 106 20.93 3.81 22.06
CA PRO C 106 20.84 2.72 23.03
C PRO C 106 19.96 3.12 24.23
N ASP C 107 19.80 2.22 25.19
CA ASP C 107 19.09 2.48 26.46
C ASP C 107 17.60 2.83 26.31
N VAL C 108 17.34 3.97 25.68
CA VAL C 108 15.99 4.45 25.33
C VAL C 108 15.01 3.34 24.91
N LEU C 109 15.53 2.24 24.36
CA LEU C 109 14.70 1.14 23.86
C LEU C 109 14.89 -0.18 24.60
N THR C 110 15.59 -0.16 25.74
CA THR C 110 15.91 -1.37 26.50
C THR C 110 14.66 -2.12 26.93
N ASP C 111 13.76 -1.42 27.62
CA ASP C 111 12.57 -2.05 28.18
C ASP C 111 11.59 -2.58 27.11
N THR C 112 11.26 -1.73 26.14
CA THR C 112 10.35 -2.08 25.06
C THR C 112 10.77 -3.33 24.26
N THR C 113 12.08 -3.46 24.03
CA THR C 113 12.64 -4.57 23.27
C THR C 113 12.67 -5.82 24.14
N ALA C 114 13.00 -5.66 25.42
CA ALA C 114 12.89 -6.75 26.38
C ALA C 114 11.46 -7.26 26.41
N GLU C 115 10.51 -6.33 26.31
CA GLU C 115 9.09 -6.60 26.40
C GLU C 115 8.65 -7.49 25.23
N LEU C 116 9.13 -7.17 24.04
CA LEU C 116 8.78 -7.94 22.86
C LEU C 116 9.37 -9.34 22.91
N ALA C 117 10.60 -9.44 23.42
CA ALA C 117 11.30 -10.72 23.49
C ALA C 117 10.51 -11.73 24.32
N VAL C 118 10.01 -11.29 25.48
CA VAL C 118 9.19 -12.11 26.34
C VAL C 118 7.85 -12.43 25.66
N SER C 119 7.28 -11.41 25.00
CA SER C 119 6.05 -11.55 24.20
C SER C 119 6.19 -12.66 23.18
N LEU C 120 7.26 -12.58 22.39
CA LEU C 120 7.55 -13.58 21.38
C LEU C 120 7.66 -14.96 22.02
N LEU C 121 8.54 -15.08 23.01
CA LEU C 121 8.71 -16.32 23.75
C LEU C 121 7.38 -16.95 24.19
N LEU C 122 6.54 -16.13 24.86
CA LEU C 122 5.30 -16.62 25.45
C LEU C 122 4.30 -17.07 24.41
N THR C 123 4.28 -16.36 23.28
CA THR C 123 3.31 -16.63 22.24
C THR C 123 3.72 -17.87 21.44
N THR C 124 5.02 -18.17 21.45
CA THR C 124 5.60 -19.31 20.75
C THR C 124 5.45 -20.60 21.56
N CYS C 125 5.84 -20.54 22.84
CA CYS C 125 5.81 -21.71 23.71
C CYS C 125 4.40 -22.15 24.11
N ARG C 126 3.47 -21.20 24.14
CA ARG C 126 2.06 -21.53 24.42
C ARG C 126 1.22 -21.69 23.15
N ARG C 127 1.88 -21.60 22.00
CA ARG C 127 1.27 -21.90 20.69
C ARG C 127 0.04 -21.04 20.41
N LEU C 128 0.17 -19.74 20.63
CA LEU C 128 -0.93 -18.79 20.44
C LEU C 128 -1.34 -18.63 18.97
N PRO C 129 -0.36 -18.46 18.05
CA PRO C 129 -0.74 -18.35 16.64
C PRO C 129 -1.45 -19.59 16.11
N GLU C 130 -0.98 -20.78 16.47
CA GLU C 130 -1.62 -22.02 16.04
C GLU C 130 -3.04 -22.13 16.59
N ALA C 131 -3.22 -21.69 17.82
CA ALA C 131 -4.52 -21.71 18.50
C ALA C 131 -5.50 -20.71 17.89
N ILE C 132 -5.01 -19.51 17.58
CA ILE C 132 -5.84 -18.47 16.98
C ILE C 132 -6.44 -18.98 15.67
N GLU C 133 -5.60 -19.61 14.84
CA GLU C 133 -6.05 -20.17 13.56
C GLU C 133 -7.06 -21.31 13.74
N GLU C 134 -6.89 -22.11 14.79
CA GLU C 134 -7.79 -23.21 15.07
C GLU C 134 -9.22 -22.78 15.41
N VAL C 135 -9.39 -21.62 16.04
CA VAL C 135 -10.74 -21.08 16.25
C VAL C 135 -11.32 -20.56 14.93
N LYS C 136 -10.45 -20.04 14.07
CA LYS C 136 -10.90 -19.41 12.82
C LYS C 136 -11.25 -20.40 11.71
N ASN C 137 -10.67 -21.61 11.76
CA ASN C 137 -10.85 -22.58 10.69
C ASN C 137 -11.69 -23.81 11.10
N GLY C 138 -12.20 -23.77 12.32
CA GLY C 138 -13.13 -24.79 12.81
C GLY C 138 -12.48 -25.95 13.52
N GLY C 139 -11.20 -25.81 13.85
CA GLY C 139 -10.46 -26.85 14.59
C GLY C 139 -10.91 -27.03 16.03
N TRP C 140 -11.62 -26.02 16.56
CA TRP C 140 -12.09 -26.01 17.95
C TRP C 140 -13.50 -26.61 18.03
N THR C 141 -13.58 -27.82 18.58
CA THR C 141 -14.81 -28.60 18.60
C THR C 141 -15.30 -28.84 20.03
N SER C 142 -14.36 -28.77 20.97
CA SER C 142 -14.62 -28.99 22.39
C SER C 142 -13.37 -28.73 23.21
N TRP C 143 -13.53 -28.70 24.53
CA TRP C 143 -12.39 -28.73 25.45
C TRP C 143 -11.78 -30.12 25.34
N LYS C 144 -10.53 -30.17 24.91
CA LYS C 144 -9.77 -31.43 24.79
C LYS C 144 -8.55 -31.39 25.70
N PRO C 145 -8.32 -32.48 26.46
CA PRO C 145 -7.31 -32.45 27.52
C PRO C 145 -5.88 -32.60 27.04
N LEU C 146 -5.67 -32.75 25.74
CA LEU C 146 -4.33 -32.94 25.19
C LEU C 146 -4.03 -32.10 23.95
N TRP C 147 -4.96 -31.20 23.63
CA TRP C 147 -4.89 -30.44 22.40
C TRP C 147 -4.20 -29.09 22.60
N LEU C 148 -3.38 -28.70 21.62
CA LEU C 148 -2.65 -27.44 21.61
C LEU C 148 -1.79 -27.22 22.87
N CYS C 149 -1.17 -28.29 23.36
CA CYS C 149 -0.39 -28.21 24.60
C CYS C 149 1.01 -27.68 24.35
N GLY C 150 1.37 -26.64 25.10
CA GLY C 150 2.70 -26.02 25.01
C GLY C 150 3.61 -26.24 26.21
N TYR C 151 4.72 -25.50 26.25
CA TYR C 151 5.71 -25.65 27.31
C TYR C 151 5.79 -24.41 28.20
N GLY C 152 5.48 -24.59 29.48
CA GLY C 152 5.46 -23.49 30.45
C GLY C 152 6.84 -23.09 30.94
N LEU C 153 6.91 -21.93 31.59
CA LEU C 153 8.17 -21.41 32.09
C LEU C 153 8.43 -21.75 33.57
N THR C 154 7.50 -22.48 34.19
CA THR C 154 7.62 -22.84 35.60
C THR C 154 8.67 -23.93 35.80
N GLN C 155 9.57 -23.72 36.76
CA GLN C 155 10.64 -24.67 37.12
C GLN C 155 11.63 -24.94 35.98
N SER C 156 11.63 -24.05 34.99
CA SER C 156 12.38 -24.23 33.76
C SER C 156 13.80 -23.67 33.83
N THR C 157 14.56 -23.88 32.77
CA THR C 157 15.91 -23.33 32.64
C THR C 157 15.98 -22.42 31.40
N VAL C 158 16.41 -21.18 31.61
CA VAL C 158 16.49 -20.19 30.53
C VAL C 158 17.94 -19.84 30.21
N GLY C 159 18.28 -19.81 28.91
CA GLY C 159 19.62 -19.51 28.44
C GLY C 159 19.69 -18.22 27.64
N ILE C 160 20.38 -17.23 28.19
CA ILE C 160 20.49 -15.92 27.57
C ILE C 160 21.86 -15.76 26.89
N ILE C 161 21.85 -15.67 25.56
CA ILE C 161 23.06 -15.42 24.79
C ILE C 161 23.20 -13.91 24.57
N GLY C 162 24.33 -13.35 25.01
CA GLY C 162 24.56 -11.91 24.94
C GLY C 162 23.80 -11.15 26.00
N LEU C 163 24.10 -11.45 27.27
CA LEU C 163 23.45 -10.78 28.41
C LEU C 163 23.97 -9.35 28.63
N GLY C 164 23.59 -8.46 27.72
CA GLY C 164 23.89 -7.03 27.85
C GLY C 164 22.80 -6.33 28.65
N ARG C 165 22.35 -5.17 28.17
CA ARG C 165 21.32 -4.41 28.87
C ARG C 165 19.92 -4.96 28.57
N ILE C 166 19.71 -5.38 27.32
CA ILE C 166 18.46 -6.02 26.89
C ILE C 166 18.36 -7.40 27.55
N GLY C 167 19.46 -8.16 27.50
CA GLY C 167 19.55 -9.48 28.13
C GLY C 167 19.06 -9.51 29.57
N GLN C 168 19.61 -8.60 30.38
CA GLN C 168 19.18 -8.42 31.76
C GLN C 168 17.68 -8.14 31.86
N ALA C 169 17.19 -7.23 31.03
CA ALA C 169 15.79 -6.83 31.07
C ALA C 169 14.85 -7.99 30.77
N ILE C 170 15.25 -8.85 29.83
CA ILE C 170 14.50 -10.09 29.57
C ILE C 170 14.47 -10.96 30.82
N ALA C 171 15.64 -11.23 31.39
CA ALA C 171 15.77 -12.01 32.62
C ALA C 171 14.94 -11.45 33.78
N ARG C 172 14.97 -10.13 33.96
CA ARG C 172 14.20 -9.46 34.99
C ARG C 172 12.71 -9.81 34.91
N ARG C 173 12.15 -9.73 33.70
CA ARG C 173 10.75 -10.01 33.41
C ARG C 173 10.40 -11.51 33.48
N LEU C 174 11.37 -12.38 33.22
CA LEU C 174 11.13 -13.83 33.18
C LEU C 174 11.23 -14.51 34.54
N LYS C 175 11.89 -13.85 35.49
CA LYS C 175 12.07 -14.41 36.84
C LYS C 175 10.74 -14.78 37.52
N PRO C 176 9.77 -13.84 37.59
CA PRO C 176 8.50 -14.12 38.29
C PRO C 176 7.66 -15.25 37.69
N PHE C 177 8.01 -15.68 36.47
CA PHE C 177 7.36 -16.84 35.85
C PHE C 177 7.84 -18.17 36.43
N GLY C 178 8.59 -18.10 37.53
CA GLY C 178 9.00 -19.30 38.27
C GLY C 178 10.09 -20.12 37.62
N VAL C 179 11.04 -19.44 36.98
CA VAL C 179 12.21 -20.10 36.37
C VAL C 179 13.23 -20.47 37.46
N GLN C 180 13.75 -21.70 37.39
CA GLN C 180 14.66 -22.21 38.44
C GLN C 180 16.13 -21.81 38.27
N ARG C 181 16.59 -21.69 37.02
CA ARG C 181 18.00 -21.37 36.74
C ARG C 181 18.20 -20.60 35.44
N PHE C 182 19.13 -19.64 35.48
CA PHE C 182 19.51 -18.85 34.32
C PHE C 182 20.96 -19.14 33.93
N LEU C 183 21.27 -19.02 32.64
CA LEU C 183 22.63 -19.23 32.12
C LEU C 183 22.98 -18.13 31.11
N TYR C 184 24.18 -17.57 31.21
CA TYR C 184 24.57 -16.49 30.29
C TYR C 184 25.89 -16.70 29.55
N THR C 185 25.95 -16.21 28.32
CA THR C 185 27.12 -16.39 27.45
C THR C 185 27.56 -15.08 26.81
N GLY C 186 28.88 -14.90 26.70
CA GLY C 186 29.48 -13.75 26.03
C GLY C 186 30.94 -14.00 25.71
N ARG C 187 31.62 -12.96 25.27
CA ARG C 187 33.07 -13.01 25.05
C ARG C 187 33.80 -12.86 26.38
N GLN C 188 33.08 -12.32 27.37
CA GLN C 188 33.60 -12.14 28.72
C GLN C 188 32.45 -12.24 29.73
N PRO C 189 32.72 -12.84 30.92
CA PRO C 189 31.70 -12.94 31.96
C PRO C 189 31.29 -11.57 32.52
N ARG C 190 30.06 -11.48 33.01
CA ARG C 190 29.54 -10.26 33.64
C ARG C 190 28.97 -10.58 35.03
N PRO C 191 29.85 -10.86 36.02
CA PRO C 191 29.38 -11.32 37.33
C PRO C 191 28.67 -10.22 38.14
N GLU C 192 29.17 -8.99 38.06
CA GLU C 192 28.63 -7.86 38.81
C GLU C 192 27.19 -7.53 38.42
N GLU C 193 26.93 -7.41 37.12
CA GLU C 193 25.63 -6.99 36.59
C GLU C 193 24.71 -8.18 36.30
N ALA C 194 25.04 -9.35 36.86
CA ALA C 194 24.24 -10.57 36.67
C ALA C 194 24.09 -11.40 37.94
N ALA C 195 24.35 -10.78 39.09
CA ALA C 195 24.07 -11.39 40.38
C ALA C 195 22.56 -11.41 40.64
N GLU C 196 21.85 -10.57 39.90
CA GLU C 196 20.41 -10.32 40.05
C GLU C 196 19.55 -11.58 39.85
N PHE C 197 20.05 -12.53 39.06
CA PHE C 197 19.27 -13.72 38.70
C PHE C 197 19.98 -15.05 39.03
N GLN C 198 21.13 -14.98 39.69
CA GLN C 198 21.97 -16.16 39.96
C GLN C 198 22.40 -16.87 38.66
N ALA C 199 22.58 -16.10 37.60
CA ALA C 199 22.98 -16.61 36.29
C ALA C 199 24.41 -17.18 36.32
N GLU C 200 24.52 -18.46 35.95
CA GLU C 200 25.80 -19.14 35.83
C GLU C 200 26.41 -18.83 34.46
N PHE C 201 27.70 -18.46 34.44
CA PHE C 201 28.40 -18.24 33.17
C PHE C 201 28.88 -19.56 32.58
N VAL C 202 28.35 -19.92 31.43
CA VAL C 202 28.75 -21.13 30.74
C VAL C 202 29.24 -20.81 29.32
N SER C 203 29.75 -21.84 28.64
CA SER C 203 30.16 -21.72 27.24
C SER C 203 28.93 -21.75 26.33
N THR C 204 29.15 -21.54 25.04
CA THR C 204 28.08 -21.63 24.04
C THR C 204 27.48 -23.04 23.97
N PRO C 205 28.31 -24.09 23.71
CA PRO C 205 27.75 -25.44 23.55
C PRO C 205 27.10 -26.03 24.80
N GLU C 206 27.59 -25.66 25.99
CA GLU C 206 27.06 -26.18 27.25
C GLU C 206 25.68 -25.63 27.58
N LEU C 207 25.40 -24.41 27.12
CA LEU C 207 24.09 -23.77 27.32
C LEU C 207 23.00 -24.52 26.56
N ALA C 208 23.22 -24.67 25.25
CA ALA C 208 22.25 -25.28 24.34
C ALA C 208 21.63 -26.58 24.84
N ALA C 209 22.42 -27.39 25.53
CA ALA C 209 21.95 -28.68 26.01
C ALA C 209 21.17 -28.58 27.33
N GLN C 210 21.58 -27.65 28.19
CA GLN C 210 21.03 -27.57 29.55
C GLN C 210 19.69 -26.81 29.65
N SER C 211 19.50 -25.82 28.79
CA SER C 211 18.34 -24.92 28.90
C SER C 211 17.12 -25.37 28.09
N ASP C 212 15.93 -24.97 28.58
CA ASP C 212 14.64 -25.28 27.96
C ASP C 212 14.20 -24.16 27.01
N PHE C 213 14.64 -22.94 27.29
CA PHE C 213 14.36 -21.80 26.45
C PHE C 213 15.66 -21.03 26.22
N ILE C 214 15.94 -20.69 24.96
CA ILE C 214 17.13 -19.91 24.64
C ILE C 214 16.71 -18.58 24.02
N VAL C 215 17.37 -17.51 24.45
CA VAL C 215 17.13 -16.16 23.92
C VAL C 215 18.44 -15.54 23.47
N VAL C 216 18.50 -15.15 22.20
CA VAL C 216 19.66 -14.44 21.64
C VAL C 216 19.35 -12.94 21.58
N ALA C 217 20.11 -12.14 22.31
CA ALA C 217 19.84 -10.71 22.40
C ALA C 217 21.03 -9.81 22.00
N CYS C 218 22.25 -10.29 22.25
CA CYS C 218 23.48 -9.51 22.03
C CYS C 218 23.44 -8.11 22.67
N GLY C 226 27.65 -16.65 11.63
CA GLY C 226 26.56 -17.63 11.66
C GLY C 226 26.71 -18.62 12.79
N LEU C 227 26.50 -18.14 14.02
CA LEU C 227 26.75 -18.91 15.24
C LEU C 227 25.75 -20.04 15.46
N CYS C 228 24.47 -19.79 15.16
CA CYS C 228 23.41 -20.78 15.35
C CYS C 228 23.12 -21.59 14.09
N ASN C 229 23.68 -22.80 14.04
CA ASN C 229 23.62 -23.67 12.86
C ASN C 229 23.31 -25.15 13.18
N LYS C 230 23.52 -26.03 12.21
CA LYS C 230 23.26 -27.47 12.36
C LYS C 230 23.99 -28.11 13.56
N ASP C 231 25.10 -27.52 13.97
CA ASP C 231 25.82 -27.93 15.17
C ASP C 231 25.11 -27.45 16.44
N PHE C 232 24.51 -26.26 16.36
CA PHE C 232 23.87 -25.61 17.50
C PHE C 232 22.54 -26.23 17.90
N PHE C 233 21.70 -26.55 16.91
CA PHE C 233 20.36 -27.08 17.17
C PHE C 233 20.34 -28.58 17.47
N GLN C 234 21.45 -29.27 17.16
CA GLN C 234 21.59 -30.70 17.47
C GLN C 234 21.73 -30.96 18.97
N LYS C 235 22.46 -30.08 19.65
CA LYS C 235 22.72 -30.22 21.09
C LYS C 235 21.54 -29.79 21.97
N MET C 236 20.63 -29.00 21.41
CA MET C 236 19.44 -28.54 22.13
C MET C 236 18.47 -29.67 22.44
N LYS C 237 17.59 -29.45 23.42
CA LYS C 237 16.60 -30.43 23.85
C LYS C 237 15.51 -30.61 22.80
N GLU C 238 14.94 -31.81 22.70
CA GLU C 238 13.87 -32.06 21.75
C GLU C 238 12.66 -31.16 22.01
N THR C 239 12.53 -30.71 23.25
CA THR C 239 11.36 -29.94 23.68
C THR C 239 11.69 -28.48 23.99
N ALA C 240 12.69 -27.93 23.30
CA ALA C 240 13.16 -26.57 23.57
C ALA C 240 12.65 -25.51 22.60
N VAL C 241 12.58 -24.26 23.07
CA VAL C 241 12.18 -23.16 22.22
C VAL C 241 13.34 -22.22 21.94
N PHE C 242 13.59 -21.94 20.67
CA PHE C 242 14.61 -21.00 20.24
C PHE C 242 14.02 -19.65 19.89
N ILE C 243 14.67 -18.59 20.38
CA ILE C 243 14.20 -17.22 20.19
C ILE C 243 15.38 -16.30 19.85
N ASN C 244 15.24 -15.53 18.76
CA ASN C 244 16.26 -14.56 18.35
C ASN C 244 15.65 -13.18 18.10
N ILE C 245 16.28 -12.15 18.66
CA ILE C 245 15.84 -10.76 18.48
C ILE C 245 16.98 -9.82 18.11
N SER C 246 18.19 -10.38 17.97
CA SER C 246 19.39 -9.59 17.69
C SER C 246 19.51 -9.20 16.22
N ARG C 247 20.19 -10.04 15.45
CA ARG C 247 20.39 -9.84 14.00
C ARG C 247 20.01 -11.12 13.25
N GLY C 248 19.79 -11.01 11.95
CA GLY C 248 19.51 -12.17 11.10
C GLY C 248 20.72 -13.08 10.92
N ASP C 249 21.88 -12.46 10.68
CA ASP C 249 23.14 -13.15 10.38
C ASP C 249 23.50 -14.34 11.28
N VAL C 250 23.15 -14.24 12.57
CA VAL C 250 23.55 -15.25 13.55
C VAL C 250 22.79 -16.58 13.41
N VAL C 251 21.72 -16.58 12.62
CA VAL C 251 20.93 -17.78 12.35
C VAL C 251 21.19 -18.31 10.94
N ASN C 252 21.50 -19.60 10.84
CA ASN C 252 21.52 -20.28 9.55
C ASN C 252 20.12 -20.81 9.26
N GLN C 253 19.43 -20.12 8.36
CA GLN C 253 17.98 -20.26 8.23
C GLN C 253 17.54 -21.57 7.58
N ASP C 254 18.35 -22.10 6.67
CA ASP C 254 18.07 -23.43 6.13
C ASP C 254 18.35 -24.53 7.15
N ASP C 255 19.29 -24.28 8.05
CA ASP C 255 19.56 -25.18 9.18
C ASP C 255 18.40 -25.18 10.19
N LEU C 256 17.93 -23.99 10.55
CA LEU C 256 16.81 -23.84 11.49
C LEU C 256 15.56 -24.59 11.01
N TYR C 257 15.32 -24.52 9.71
CA TYR C 257 14.19 -25.21 9.09
C TYR C 257 14.35 -26.72 9.26
N GLN C 258 15.53 -27.23 8.96
CA GLN C 258 15.81 -28.67 9.08
C GLN C 258 15.56 -29.14 10.51
N ALA C 259 15.89 -28.28 11.48
CA ALA C 259 15.73 -28.59 12.90
C ALA C 259 14.26 -28.67 13.32
N LEU C 260 13.51 -27.65 12.93
CA LEU C 260 12.09 -27.52 13.29
C LEU C 260 11.21 -28.56 12.62
N ALA C 261 11.51 -28.85 11.34
CA ALA C 261 10.73 -29.79 10.55
C ALA C 261 10.93 -31.21 11.04
N SER C 262 12.15 -31.52 11.47
CA SER C 262 12.50 -32.87 11.92
C SER C 262 12.22 -33.09 13.41
N GLY C 263 11.78 -32.04 14.10
CA GLY C 263 11.45 -32.13 15.52
C GLY C 263 12.66 -32.24 16.41
N LYS C 264 13.80 -31.75 15.94
CA LYS C 264 15.02 -31.71 16.74
C LYS C 264 14.88 -30.69 17.88
N ILE C 265 14.22 -29.56 17.58
CA ILE C 265 13.80 -28.62 18.61
C ILE C 265 12.29 -28.39 18.50
N ALA C 266 11.66 -28.05 19.63
CA ALA C 266 10.19 -27.93 19.68
C ALA C 266 9.63 -26.81 18.80
N ALA C 267 10.07 -25.57 19.05
CA ALA C 267 9.57 -24.39 18.34
C ALA C 267 10.60 -23.27 18.27
N ALA C 268 10.39 -22.33 17.34
CA ALA C 268 11.25 -21.15 17.20
C ALA C 268 10.47 -19.87 16.90
N GLY C 269 10.94 -18.76 17.45
CA GLY C 269 10.35 -17.44 17.23
C GLY C 269 11.40 -16.40 16.92
N LEU C 270 11.25 -15.71 15.79
CA LEU C 270 12.23 -14.73 15.32
C LEU C 270 11.63 -13.34 15.20
N ASP C 271 12.42 -12.31 15.52
CA ASP C 271 12.04 -10.92 15.29
C ASP C 271 12.88 -10.35 14.17
N VAL C 272 13.96 -11.06 13.85
CA VAL C 272 14.90 -10.65 12.82
C VAL C 272 15.13 -11.81 11.87
N THR C 273 15.39 -11.49 10.60
CA THR C 273 15.68 -12.50 9.57
C THR C 273 16.71 -12.03 8.53
N SER C 274 17.11 -12.97 7.67
CA SER C 274 18.02 -12.71 6.55
C SER C 274 17.36 -13.10 5.22
N PRO C 275 17.02 -12.11 4.38
CA PRO C 275 17.13 -10.68 4.65
C PRO C 275 15.82 -10.12 5.22
N GLU C 276 15.75 -8.79 5.35
CA GLU C 276 14.53 -8.12 5.77
C GLU C 276 14.02 -7.20 4.67
N PRO C 277 12.78 -7.41 4.21
CA PRO C 277 11.88 -8.47 4.67
C PRO C 277 12.19 -9.81 4.03
N LEU C 278 11.71 -10.88 4.66
CA LEU C 278 11.76 -12.22 4.07
C LEU C 278 10.84 -12.28 2.87
N PRO C 279 11.26 -12.96 1.79
CA PRO C 279 10.30 -13.25 0.73
C PRO C 279 9.11 -14.03 1.30
N THR C 280 7.92 -13.75 0.79
CA THR C 280 6.70 -14.38 1.27
C THR C 280 6.60 -15.86 0.91
N ASN C 281 7.59 -16.34 0.14
CA ASN C 281 7.64 -17.74 -0.27
C ASN C 281 8.73 -18.55 0.44
N HIS C 282 9.28 -17.98 1.51
CA HIS C 282 10.35 -18.64 2.26
C HIS C 282 9.84 -19.89 3.01
N PRO C 283 10.63 -20.99 2.98
CA PRO C 283 10.37 -22.24 3.71
C PRO C 283 9.90 -22.06 5.15
N LEU C 284 10.64 -21.30 5.95
CA LEU C 284 10.33 -21.11 7.38
C LEU C 284 8.90 -20.67 7.64
N LEU C 285 8.36 -19.83 6.78
CA LEU C 285 7.00 -19.30 6.91
C LEU C 285 5.90 -20.34 6.70
N THR C 286 6.29 -21.57 6.32
CA THR C 286 5.30 -22.65 6.14
C THR C 286 5.18 -23.55 7.37
N LEU C 287 6.10 -23.41 8.32
CA LEU C 287 6.12 -24.26 9.52
C LEU C 287 5.23 -23.72 10.64
N LYS C 288 4.32 -24.56 11.12
CA LYS C 288 3.41 -24.18 12.21
C LYS C 288 4.15 -23.68 13.46
N ASN C 289 5.21 -24.39 13.84
CA ASN C 289 5.95 -24.10 15.07
C ASN C 289 7.10 -23.09 14.91
N CYS C 290 6.94 -22.15 13.98
CA CYS C 290 7.91 -21.08 13.80
C CYS C 290 7.19 -19.74 13.59
N VAL C 291 7.47 -18.80 14.47
CA VAL C 291 6.79 -17.51 14.47
C VAL C 291 7.76 -16.41 14.04
N ILE C 292 7.35 -15.59 13.08
CA ILE C 292 8.22 -14.53 12.57
C ILE C 292 7.57 -13.15 12.69
N LEU C 293 8.23 -12.26 13.44
CA LEU C 293 7.79 -10.88 13.59
C LEU C 293 8.69 -9.93 12.78
N PRO C 294 8.10 -8.90 12.17
CA PRO C 294 8.83 -8.05 11.23
C PRO C 294 9.68 -6.96 11.90
N HIS C 295 10.62 -7.38 12.73
CA HIS C 295 11.52 -6.48 13.47
C HIS C 295 10.75 -5.39 14.25
N ILE C 296 9.99 -5.81 15.24
CA ILE C 296 9.14 -4.87 16.00
C ILE C 296 9.54 -4.74 17.47
N GLY C 297 10.81 -5.00 17.77
CA GLY C 297 11.35 -4.83 19.11
C GLY C 297 10.90 -3.54 19.80
N SER C 298 11.14 -2.41 19.14
CA SER C 298 10.93 -1.09 19.73
C SER C 298 9.61 -0.41 19.33
N ALA C 299 8.77 -1.14 18.61
CA ALA C 299 7.53 -0.58 18.07
C ALA C 299 6.45 -0.25 19.11
N THR C 300 6.66 0.82 19.87
CA THR C 300 5.58 1.43 20.66
C THR C 300 5.64 2.94 20.48
N HIS C 301 4.47 3.56 20.40
CA HIS C 301 4.37 5.00 20.11
C HIS C 301 5.40 5.81 20.90
N ARG C 302 5.38 5.66 22.22
CA ARG C 302 6.24 6.45 23.12
C ARG C 302 7.75 6.22 22.93
N THR C 303 8.16 4.98 22.70
CA THR C 303 9.58 4.64 22.53
C THR C 303 10.16 5.13 21.19
N ARG C 304 9.45 4.87 20.09
CA ARG C 304 9.87 5.36 18.78
C ARG C 304 9.92 6.88 18.75
N ASN C 305 8.97 7.52 19.44
CA ASN C 305 8.90 8.96 19.52
C ASN C 305 10.11 9.52 20.27
N THR C 306 10.59 8.76 21.26
CA THR C 306 11.77 9.10 22.05
C THR C 306 13.06 8.83 21.27
N MET C 307 13.09 7.71 20.55
CA MET C 307 14.21 7.40 19.65
C MET C 307 14.38 8.54 18.67
N SER C 308 13.26 8.99 18.09
CA SER C 308 13.23 10.12 17.16
C SER C 308 13.83 11.38 17.76
N LEU C 309 13.46 11.69 18.99
CA LEU C 309 13.94 12.91 19.66
C LEU C 309 15.44 12.86 19.94
N LEU C 310 15.93 11.70 20.36
CA LEU C 310 17.34 11.53 20.71
C LEU C 310 18.22 11.63 19.46
N ALA C 311 17.82 10.92 18.40
CA ALA C 311 18.52 10.95 17.12
C ALA C 311 18.63 12.38 16.59
N ALA C 312 17.64 13.21 16.89
CA ALA C 312 17.65 14.62 16.47
C ALA C 312 18.61 15.45 17.31
N ASN C 313 18.60 15.20 18.62
CA ASN C 313 19.51 15.91 19.54
C ASN C 313 20.97 15.53 19.28
N ASN C 314 21.22 14.23 19.04
CA ASN C 314 22.54 13.76 18.64
C ASN C 314 23.08 14.55 17.44
N LEU C 315 22.22 14.78 16.46
CA LEU C 315 22.57 15.44 15.21
C LEU C 315 22.90 16.92 15.39
N LEU C 316 22.03 17.64 16.10
CA LEU C 316 22.19 19.09 16.29
C LEU C 316 23.46 19.43 17.06
N ALA C 317 23.74 18.66 18.11
CA ALA C 317 24.95 18.84 18.90
C ALA C 317 26.19 18.52 18.05
N GLY C 318 26.08 17.48 17.22
CA GLY C 318 27.16 17.10 16.32
C GLY C 318 27.39 18.05 15.16
N LEU C 319 26.45 18.98 14.95
CA LEU C 319 26.60 20.05 13.97
C LEU C 319 27.23 21.27 14.63
N ARG C 320 26.82 21.52 15.88
CA ARG C 320 27.28 22.67 16.65
C ARG C 320 28.62 22.44 17.36
N GLY C 321 29.12 21.20 17.31
CA GLY C 321 30.38 20.83 17.97
C GLY C 321 30.25 20.65 19.47
N GLU C 322 29.02 20.33 19.90
CA GLU C 322 28.70 20.16 21.31
C GLU C 322 28.76 18.69 21.72
N PRO C 323 28.86 18.41 23.03
CA PRO C 323 28.78 17.02 23.52
C PRO C 323 27.42 16.41 23.20
N MET C 324 27.43 15.22 22.61
CA MET C 324 26.20 14.52 22.24
C MET C 324 25.69 13.65 23.38
N PRO C 325 24.36 13.59 23.58
CA PRO C 325 23.76 12.79 24.65
C PRO C 325 24.12 11.30 24.59
N SER C 326 24.20 10.76 23.38
CA SER C 326 24.47 9.34 23.18
C SER C 326 25.33 9.14 21.93
N GLU C 327 26.64 9.16 22.10
CA GLU C 327 27.59 9.09 20.99
C GLU C 327 28.35 7.76 20.95
N LEU C 328 28.53 7.22 19.75
CA LEU C 328 29.41 6.08 19.54
C LEU C 328 30.84 6.58 19.28
N LYS C 329 31.80 6.01 20.02
CA LYS C 329 33.20 6.45 19.97
C LYS C 329 33.90 6.15 18.65
N LEU D 8 -13.24 -55.85 43.17
CA LEU D 8 -13.23 -54.99 41.95
C LEU D 8 -14.43 -54.04 41.88
N MET D 9 -14.20 -52.82 41.43
CA MET D 9 -15.24 -51.80 41.33
C MET D 9 -15.34 -51.21 39.92
N LYS D 10 -16.55 -50.76 39.55
CA LYS D 10 -16.80 -50.18 38.24
C LYS D 10 -16.29 -48.73 38.15
N VAL D 11 -15.36 -48.51 37.23
CA VAL D 11 -14.81 -47.18 36.97
C VAL D 11 -14.98 -46.83 35.48
N PHE D 12 -15.70 -45.74 35.23
CA PHE D 12 -15.89 -45.25 33.87
C PHE D 12 -15.18 -43.92 33.66
N VAL D 13 -14.40 -43.86 32.59
CA VAL D 13 -13.73 -42.63 32.21
C VAL D 13 -14.31 -42.17 30.88
N THR D 14 -14.72 -40.92 30.84
CA THR D 14 -15.43 -40.33 29.70
C THR D 14 -14.53 -40.04 28.49
N ARG D 15 -13.22 -39.92 28.72
CA ARG D 15 -12.31 -39.46 27.67
C ARG D 15 -10.88 -40.02 27.82
N ARG D 16 -10.15 -40.03 26.70
CA ARG D 16 -8.73 -40.33 26.71
C ARG D 16 -8.02 -39.21 27.47
N ILE D 17 -7.52 -39.54 28.65
CA ILE D 17 -6.86 -38.56 29.53
C ILE D 17 -5.34 -38.69 29.41
N PRO D 18 -4.59 -37.64 29.82
CA PRO D 18 -3.12 -37.68 29.78
C PRO D 18 -2.53 -38.84 30.57
N ALA D 19 -1.40 -39.35 30.11
CA ALA D 19 -0.84 -40.61 30.60
C ALA D 19 -0.77 -40.78 32.12
N GLU D 20 -0.28 -39.75 32.83
CA GLU D 20 -0.03 -39.88 34.26
C GLU D 20 -1.27 -40.26 35.07
N GLY D 21 -2.44 -39.82 34.62
CA GLY D 21 -3.70 -40.24 35.24
C GLY D 21 -4.09 -41.64 34.81
N ARG D 22 -3.87 -41.94 33.54
CA ARG D 22 -4.20 -43.26 32.99
C ARG D 22 -3.35 -44.34 33.66
N VAL D 23 -2.06 -44.04 33.84
CA VAL D 23 -1.14 -44.97 34.50
C VAL D 23 -1.64 -45.24 35.92
N ALA D 24 -1.91 -44.18 36.67
CA ALA D 24 -2.42 -44.33 38.04
C ALA D 24 -3.63 -45.26 38.12
N LEU D 25 -4.63 -45.02 37.28
CA LEU D 25 -5.83 -45.88 37.22
C LEU D 25 -5.55 -47.30 36.72
N ALA D 26 -4.58 -47.46 35.82
CA ALA D 26 -4.20 -48.78 35.28
C ALA D 26 -3.53 -49.65 36.33
N ARG D 27 -2.89 -48.99 37.30
CA ARG D 27 -2.14 -49.67 38.36
C ARG D 27 -3.00 -50.08 39.56
N ALA D 28 -4.27 -49.69 39.52
CA ALA D 28 -5.20 -50.00 40.59
C ALA D 28 -5.88 -51.35 40.36
N ALA D 29 -5.37 -52.39 41.02
CA ALA D 29 -5.97 -53.72 41.00
C ALA D 29 -7.35 -53.67 41.64
N ASP D 30 -7.56 -52.55 42.34
CA ASP D 30 -8.76 -52.25 43.09
C ASP D 30 -9.99 -52.09 42.19
N CYS D 31 -9.77 -51.58 40.99
CA CYS D 31 -10.86 -51.19 40.09
C CYS D 31 -10.85 -51.94 38.76
N GLU D 32 -11.99 -51.93 38.11
CA GLU D 32 -12.12 -52.41 36.74
C GLU D 32 -12.51 -51.20 35.89
N VAL D 33 -11.56 -50.70 35.11
CA VAL D 33 -11.72 -49.45 34.38
C VAL D 33 -12.18 -49.65 32.93
N GLU D 34 -13.32 -49.04 32.59
CA GLU D 34 -13.84 -49.03 31.22
C GLU D 34 -13.70 -47.63 30.61
N GLN D 35 -13.17 -47.57 29.38
CA GLN D 35 -12.73 -46.32 28.79
C GLN D 35 -13.35 -46.02 27.43
N TRP D 36 -13.82 -44.78 27.26
CA TRP D 36 -14.22 -44.27 25.96
C TRP D 36 -12.95 -43.79 25.26
N ASP D 37 -12.40 -44.66 24.41
CA ASP D 37 -11.08 -44.45 23.81
C ASP D 37 -11.12 -43.42 22.68
N SER D 38 -11.55 -42.21 23.00
CA SER D 38 -11.75 -41.14 22.01
C SER D 38 -11.42 -39.74 22.53
N ASP D 39 -11.02 -38.87 21.61
CA ASP D 39 -10.66 -37.48 21.93
C ASP D 39 -11.86 -36.55 21.86
N GLU D 40 -12.96 -37.00 21.24
CA GLU D 40 -14.19 -36.22 21.13
C GLU D 40 -15.06 -36.46 22.36
N PRO D 41 -15.76 -35.40 22.84
CA PRO D 41 -16.60 -35.52 24.03
C PRO D 41 -17.73 -36.51 23.81
N ILE D 42 -17.79 -37.51 24.67
CA ILE D 42 -18.87 -38.49 24.66
C ILE D 42 -20.21 -37.77 24.85
N PRO D 43 -21.21 -38.07 23.99
CA PRO D 43 -22.52 -37.43 24.11
C PRO D 43 -23.35 -38.01 25.26
N ALA D 44 -24.35 -37.25 25.72
CA ALA D 44 -25.22 -37.66 26.83
C ALA D 44 -25.79 -39.07 26.69
N LYS D 45 -26.13 -39.44 25.46
CA LYS D 45 -26.71 -40.76 25.16
C LYS D 45 -25.79 -41.90 25.58
N GLU D 46 -24.51 -41.81 25.21
CA GLU D 46 -23.51 -42.79 25.62
C GLU D 46 -23.06 -42.63 27.08
N LEU D 47 -23.10 -41.39 27.60
CA LEU D 47 -22.75 -41.14 29.00
C LEU D 47 -23.81 -41.71 29.92
N GLU D 48 -25.19 -41.45 29.74
CA GLU D 48 -26.31 -41.90 30.56
C GLU D 48 -26.36 -43.43 30.63
N ARG D 49 -25.52 -44.38 29.39
CA ARG D 49 -25.35 -45.80 29.64
C ARG D 49 -23.98 -46.14 30.23
N GLY D 50 -23.04 -45.19 30.11
CA GLY D 50 -21.68 -45.35 30.64
C GLY D 50 -21.61 -45.38 32.17
N VAL D 51 -22.27 -44.42 32.80
CA VAL D 51 -22.24 -44.27 34.26
C VAL D 51 -23.10 -45.28 35.03
N ALA D 52 -24.00 -45.96 34.33
CA ALA D 52 -24.94 -46.90 34.97
C ALA D 52 -24.24 -48.01 35.74
N GLY D 53 -24.58 -48.14 37.02
CA GLY D 53 -24.01 -49.16 37.89
C GLY D 53 -22.58 -48.87 38.30
N ALA D 54 -22.08 -47.52 38.35
CA ALA D 54 -20.57 -47.14 38.34
C ALA D 54 -20.48 -46.69 39.79
N HIS D 55 -19.38 -47.06 40.44
CA HIS D 55 -19.03 -46.55 41.77
C HIS D 55 -18.30 -45.22 41.65
N GLY D 56 -17.52 -45.09 40.57
CA GLY D 56 -16.73 -43.91 40.31
C GLY D 56 -16.71 -43.52 38.86
N LEU D 57 -16.71 -42.21 38.62
CA LEU D 57 -16.66 -41.66 37.27
C LEU D 57 -15.58 -40.58 37.17
N LEU D 58 -14.75 -40.67 36.14
CA LEU D 58 -13.81 -39.61 35.81
C LEU D 58 -14.31 -38.89 34.57
N CYS D 59 -14.64 -37.61 34.73
CA CYS D 59 -15.30 -36.84 33.67
C CYS D 59 -14.61 -35.49 33.41
N LEU D 60 -14.87 -34.92 32.24
CA LEU D 60 -14.22 -33.68 31.82
C LEU D 60 -15.16 -32.48 31.92
N LEU D 61 -14.56 -31.29 31.87
CA LEU D 61 -15.27 -30.01 31.86
C LEU D 61 -16.47 -30.02 30.89
N SER D 62 -16.34 -30.77 29.81
CA SER D 62 -17.37 -30.85 28.77
C SER D 62 -18.69 -31.44 29.26
N ASP D 63 -18.61 -32.47 30.10
CA ASP D 63 -19.77 -33.28 30.47
C ASP D 63 -20.69 -32.59 31.49
N HIS D 64 -21.90 -32.59 31.55
CA HIS D 64 -22.80 -31.91 32.50
C HIS D 64 -23.44 -33.09 33.11
N VAL D 65 -23.14 -32.99 34.41
CA VAL D 65 -23.56 -34.00 35.37
C VAL D 65 -24.75 -33.51 36.20
N ASP D 66 -25.84 -33.64 36.24
CA ASP D 66 -27.10 -33.06 36.68
C ASP D 66 -27.97 -34.09 37.38
N LYS D 67 -29.08 -33.62 37.95
CA LYS D 67 -30.07 -34.52 38.54
C LYS D 67 -30.46 -35.63 37.56
N ARG D 68 -29.98 -35.53 36.32
CA ARG D 68 -30.44 -36.38 35.25
C ARG D 68 -29.41 -38.18 34.68
N ILE D 69 -28.16 -37.84 34.94
CA ILE D 69 -27.24 -38.44 35.24
C ILE D 69 -26.80 -38.93 36.61
N LEU D 70 -27.19 -38.22 37.66
CA LEU D 70 -27.01 -38.69 39.02
C LEU D 70 -28.02 -39.77 39.37
N ASP D 71 -29.26 -39.59 38.91
CA ASP D 71 -30.27 -40.63 38.99
C ASP D 71 -29.86 -41.86 38.19
N ALA D 72 -29.40 -41.62 36.96
CA ALA D 72 -29.01 -42.71 36.07
C ALA D 72 -27.99 -43.62 36.74
N ALA D 73 -27.14 -43.03 37.58
CA ALA D 73 -26.08 -43.79 38.25
C ALA D 73 -26.60 -44.52 39.45
N GLY D 74 -27.55 -43.90 40.14
CA GLY D 74 -28.15 -44.49 41.31
C GLY D 74 -27.24 -44.43 42.53
N ALA D 75 -27.71 -44.97 43.65
CA ALA D 75 -26.91 -44.99 44.89
C ALA D 75 -25.58 -45.69 44.69
N ASN D 76 -25.44 -46.22 43.68
CA ASN D 76 -24.25 -47.04 43.51
C ASN D 76 -22.97 -46.21 43.40
N LEU D 77 -23.11 -44.96 42.95
CA LEU D 77 -21.96 -44.06 42.76
C LEU D 77 -21.55 -43.31 44.02
N LYS D 78 -20.27 -43.41 44.37
CA LYS D 78 -19.74 -42.78 45.57
C LYS D 78 -18.89 -41.55 45.29
N VAL D 79 -18.19 -41.55 44.16
CA VAL D 79 -17.29 -40.46 43.80
C VAL D 79 -17.33 -40.07 42.32
N ILE D 80 -17.41 -38.77 42.06
CA ILE D 80 -17.22 -38.22 40.72
C ILE D 80 -15.99 -37.31 40.76
N SER D 81 -14.99 -37.64 39.96
CA SER D 81 -13.80 -36.82 39.87
C SER D 81 -13.78 -36.12 38.52
N THR D 82 -13.71 -34.79 38.56
CA THR D 82 -13.64 -34.01 37.33
C THR D 82 -12.26 -33.39 37.14
N MET D 83 -11.82 -33.33 35.90
CA MET D 83 -10.49 -32.84 35.58
C MET D 83 -10.52 -31.35 35.21
N SER D 84 -10.98 -30.53 36.16
CA SER D 84 -11.12 -29.08 35.95
C SER D 84 -11.23 -28.32 37.26
N VAL D 85 -10.72 -27.09 37.27
CA VAL D 85 -10.93 -26.18 38.39
C VAL D 85 -12.39 -25.72 38.39
N GLY D 86 -12.96 -25.62 37.19
CA GLY D 86 -14.35 -25.20 36.98
C GLY D 86 -15.34 -26.18 37.58
N ILE D 87 -16.32 -25.63 38.31
CA ILE D 87 -17.22 -26.45 39.10
C ILE D 87 -18.67 -26.46 38.54
N ASP D 88 -19.06 -25.35 37.90
CA ASP D 88 -20.44 -25.14 37.47
C ASP D 88 -20.85 -25.92 36.19
N HIS D 89 -20.59 -27.22 36.20
CA HIS D 89 -21.09 -28.13 35.16
C HIS D 89 -21.61 -29.39 35.83
N LEU D 90 -21.28 -29.53 37.12
CA LEU D 90 -21.81 -30.58 37.99
C LEU D 90 -22.95 -30.02 38.84
N ALA D 91 -24.07 -30.72 38.88
CA ALA D 91 -25.22 -30.34 39.69
C ALA D 91 -24.91 -30.46 41.19
N LEU D 92 -24.23 -29.45 41.72
CA LEU D 92 -23.79 -29.46 43.10
C LEU D 92 -24.00 -29.16 44.26
N ASP D 93 -25.32 -29.16 44.17
CA ASP D 93 -26.18 -29.13 45.35
C ASP D 93 -27.28 -30.18 45.26
N GLU D 94 -27.71 -31.06 43.86
CA GLU D 94 -28.21 -32.43 43.72
C GLU D 94 -27.17 -33.44 44.19
N ILE D 95 -25.89 -33.10 43.99
CA ILE D 95 -24.77 -33.94 44.42
C ILE D 95 -24.59 -33.87 45.94
N LYS D 96 -24.05 -32.76 46.44
CA LYS D 96 -23.81 -32.56 47.88
C LYS D 96 -25.08 -32.63 48.73
N LYS D 97 -26.23 -32.68 48.08
CA LYS D 97 -27.44 -34.02 48.02
C LYS D 97 -27.84 -35.89 48.48
N ARG D 98 -27.07 -36.46 47.55
CA ARG D 98 -26.85 -37.90 47.50
C ARG D 98 -25.65 -38.36 48.33
N GLY D 99 -25.00 -37.42 49.01
CA GLY D 99 -23.82 -37.72 49.82
C GLY D 99 -22.64 -38.20 48.99
N ILE D 100 -22.60 -37.79 47.74
CA ILE D 100 -21.53 -38.18 46.83
C ILE D 100 -20.36 -37.20 46.97
N ARG D 101 -19.15 -37.74 46.89
CA ARG D 101 -17.95 -36.94 47.05
C ARG D 101 -17.44 -36.42 45.70
N VAL D 102 -16.96 -35.18 45.69
CA VAL D 102 -16.55 -34.52 44.46
C VAL D 102 -15.06 -34.20 44.43
N GLY D 103 -14.45 -34.46 43.28
CA GLY D 103 -13.06 -34.13 43.03
C GLY D 103 -12.89 -33.06 41.97
N TYR D 104 -11.89 -32.21 42.16
CA TYR D 104 -11.52 -31.20 41.15
C TYR D 104 -10.05 -30.83 41.28
N THR D 105 -9.56 -30.01 40.35
CA THR D 105 -8.12 -29.80 40.21
C THR D 105 -7.70 -28.32 40.26
N PRO D 106 -7.68 -27.73 41.47
CA PRO D 106 -7.29 -26.34 41.67
C PRO D 106 -5.81 -26.16 42.01
N ASP D 107 -5.36 -24.89 42.11
CA ASP D 107 -3.99 -24.51 42.48
C ASP D 107 -2.89 -25.02 41.54
N VAL D 108 -3.08 -26.25 41.08
CA VAL D 108 -2.12 -26.98 40.24
C VAL D 108 -2.04 -26.39 38.82
N LEU D 109 -2.98 -25.51 38.50
CA LEU D 109 -3.02 -24.85 37.20
C LEU D 109 -2.81 -23.34 37.28
N THR D 110 -2.52 -22.84 38.49
CA THR D 110 -2.47 -21.40 38.75
C THR D 110 -1.41 -20.66 37.92
N ASP D 111 -0.14 -21.04 38.10
CA ASP D 111 0.98 -20.44 37.40
C ASP D 111 0.83 -20.47 35.86
N THR D 112 0.21 -21.55 35.38
CA THR D 112 0.01 -21.77 33.94
C THR D 112 -1.04 -20.83 33.35
N THR D 113 -2.17 -20.69 34.04
CA THR D 113 -3.26 -19.85 33.59
C THR D 113 -2.86 -18.37 33.64
N ALA D 114 -2.26 -17.97 34.76
CA ALA D 114 -1.74 -16.62 34.94
C ALA D 114 -0.64 -16.32 33.93
N GLU D 115 0.12 -17.35 33.56
CA GLU D 115 1.11 -17.23 32.50
C GLU D 115 0.42 -17.01 31.16
N LEU D 116 -0.64 -17.78 30.90
CA LEU D 116 -1.36 -17.63 29.64
C LEU D 116 -2.08 -16.28 29.55
N ALA D 117 -2.64 -15.83 30.68
CA ALA D 117 -3.24 -14.52 30.77
C ALA D 117 -2.26 -13.43 30.35
N VAL D 118 -1.05 -13.46 30.92
CA VAL D 118 0.00 -12.49 30.56
C VAL D 118 0.42 -12.68 29.11
N SER D 119 0.48 -13.93 28.67
CA SER D 119 0.84 -14.23 27.30
C SER D 119 -0.19 -13.67 26.33
N LEU D 120 -1.47 -13.80 26.68
CA LEU D 120 -2.55 -13.24 25.89
C LEU D 120 -2.50 -11.71 25.89
N LEU D 121 -2.32 -11.12 27.07
CA LEU D 121 -2.17 -9.68 27.22
C LEU D 121 -1.03 -9.13 26.35
N LEU D 122 0.15 -9.72 26.48
CA LEU D 122 1.31 -9.30 25.70
C LEU D 122 1.11 -9.40 24.19
N THR D 123 0.55 -10.51 23.73
CA THR D 123 0.34 -10.75 22.31
C THR D 123 -0.66 -9.76 21.69
N THR D 124 -1.61 -9.32 22.52
CA THR D 124 -2.64 -8.40 22.08
C THR D 124 -2.12 -6.98 21.97
N CYS D 125 -1.49 -6.48 23.04
CA CYS D 125 -1.04 -5.09 23.08
C CYS D 125 0.16 -4.85 22.17
N ARG D 126 1.02 -5.86 22.02
CA ARG D 126 2.15 -5.74 21.08
C ARG D 126 1.80 -6.21 19.66
N ARG D 127 0.51 -6.51 19.43
CA ARG D 127 -0.08 -6.70 18.11
C ARG D 127 0.54 -7.81 17.26
N LEU D 128 0.94 -8.89 17.92
CA LEU D 128 1.67 -9.99 17.29
C LEU D 128 0.94 -10.70 16.15
N PRO D 129 -0.37 -10.99 16.30
CA PRO D 129 -1.00 -11.73 15.22
C PRO D 129 -1.01 -10.92 13.93
N GLU D 130 -1.39 -9.66 14.04
CA GLU D 130 -1.36 -8.72 12.92
C GLU D 130 0.06 -8.66 12.31
N ALA D 131 1.06 -8.67 13.18
CA ALA D 131 2.46 -8.65 12.76
C ALA D 131 2.85 -9.91 12.00
N ILE D 132 2.44 -11.08 12.50
CA ILE D 132 2.63 -12.35 11.82
C ILE D 132 2.04 -12.31 10.41
N GLU D 133 0.83 -11.76 10.28
CA GLU D 133 0.10 -11.75 9.02
C GLU D 133 0.73 -10.84 7.95
N GLU D 134 1.16 -9.65 8.36
CA GLU D 134 1.81 -8.70 7.44
C GLU D 134 3.08 -9.29 6.83
N VAL D 135 3.81 -10.07 7.64
CA VAL D 135 4.98 -10.79 7.16
C VAL D 135 4.61 -11.75 6.03
N LYS D 136 3.51 -12.47 6.22
CA LYS D 136 3.09 -13.48 5.25
C LYS D 136 2.39 -12.87 4.03
N ASN D 137 1.58 -11.83 4.24
CA ASN D 137 0.77 -11.26 3.16
C ASN D 137 1.52 -10.30 2.25
N GLY D 138 2.72 -9.89 2.67
CA GLY D 138 3.55 -8.96 1.91
C GLY D 138 3.46 -7.52 2.35
N GLY D 139 2.94 -7.27 3.55
CA GLY D 139 2.85 -5.92 4.11
C GLY D 139 4.19 -5.37 4.57
N TRP D 140 5.08 -6.27 4.99
CA TRP D 140 6.43 -5.93 5.41
C TRP D 140 7.27 -5.58 4.18
N THR D 141 7.62 -4.30 4.06
CA THR D 141 8.40 -3.80 2.92
C THR D 141 9.77 -3.33 3.38
N SER D 142 9.85 -2.95 4.64
CA SER D 142 11.03 -2.32 5.20
C SER D 142 10.81 -2.07 6.68
N TRP D 143 11.88 -1.67 7.37
CA TRP D 143 11.77 -1.18 8.73
C TRP D 143 11.12 0.20 8.69
N LYS D 144 10.06 0.38 9.47
CA LYS D 144 9.30 1.63 9.46
C LYS D 144 9.11 2.17 10.87
N PRO D 145 9.47 3.45 11.10
CA PRO D 145 9.42 4.05 12.45
C PRO D 145 8.04 4.00 13.09
N LEU D 146 6.99 4.30 12.33
CA LEU D 146 5.66 4.47 12.91
C LEU D 146 4.69 3.33 12.61
N TRP D 147 5.23 2.19 12.17
CA TRP D 147 4.42 1.06 11.71
C TRP D 147 4.26 -0.01 12.78
N LEU D 148 3.05 -0.58 12.85
CA LEU D 148 2.72 -1.66 13.79
C LEU D 148 3.05 -1.37 15.27
N CYS D 149 2.81 -0.13 15.68
CA CYS D 149 3.11 0.28 17.04
C CYS D 149 2.05 -0.20 18.02
N GLY D 150 2.53 -0.71 19.14
CA GLY D 150 1.66 -1.21 20.20
C GLY D 150 1.67 -0.31 21.42
N TYR D 151 1.13 -0.83 22.52
CA TYR D 151 1.07 -0.12 23.80
C TYR D 151 1.88 -0.90 24.82
N GLY D 152 2.81 -0.21 25.47
CA GLY D 152 3.74 -0.86 26.40
C GLY D 152 3.30 -0.78 27.85
N LEU D 153 3.76 -1.74 28.64
CA LEU D 153 3.40 -1.84 30.06
C LEU D 153 4.20 -0.88 30.96
N THR D 154 5.24 -0.27 30.40
CA THR D 154 6.10 0.65 31.15
C THR D 154 5.33 1.90 31.53
N GLN D 155 5.24 2.14 32.84
CA GLN D 155 4.59 3.33 33.41
C GLN D 155 3.07 3.25 33.30
N SER D 156 2.56 2.05 33.08
CA SER D 156 1.14 1.83 32.86
C SER D 156 0.39 1.59 34.16
N THR D 157 -0.94 1.65 34.08
CA THR D 157 -1.80 1.28 35.20
C THR D 157 -2.58 0.02 34.81
N VAL D 158 -2.44 -1.01 35.64
CA VAL D 158 -3.13 -2.27 35.38
C VAL D 158 -4.23 -2.48 36.41
N GLY D 159 -5.41 -2.86 35.93
CA GLY D 159 -6.53 -3.23 36.79
C GLY D 159 -6.83 -4.71 36.70
N ILE D 160 -6.98 -5.35 37.86
CA ILE D 160 -7.32 -6.76 37.90
C ILE D 160 -8.65 -6.95 38.61
N ILE D 161 -9.67 -7.34 37.83
CA ILE D 161 -10.97 -7.68 38.38
C ILE D 161 -10.92 -9.13 38.87
N GLY D 162 -10.77 -9.29 40.18
CA GLY D 162 -10.65 -10.60 40.80
C GLY D 162 -9.23 -10.95 41.20
N LEU D 163 -8.71 -10.26 42.23
CA LEU D 163 -7.37 -10.50 42.74
C LEU D 163 -7.32 -11.76 43.63
N GLY D 164 -7.71 -12.89 43.05
CA GLY D 164 -7.63 -14.19 43.71
C GLY D 164 -6.25 -14.78 43.54
N ARG D 165 -6.11 -16.07 43.83
CA ARG D 165 -4.80 -16.72 43.74
C ARG D 165 -4.27 -16.58 42.32
N ILE D 166 -5.19 -16.71 41.37
CA ILE D 166 -4.90 -16.59 39.95
C ILE D 166 -4.49 -15.16 39.55
N GLY D 167 -5.28 -14.15 39.96
CA GLY D 167 -4.95 -12.75 39.69
C GLY D 167 -3.68 -12.23 40.34
N GLN D 168 -3.37 -12.74 41.53
CA GLN D 168 -2.13 -12.41 42.24
C GLN D 168 -0.93 -12.89 41.43
N ALA D 169 -1.06 -14.08 40.85
CA ALA D 169 -0.04 -14.66 40.00
C ALA D 169 0.17 -13.82 38.74
N ILE D 170 -0.87 -13.08 38.35
CA ILE D 170 -0.81 -12.20 37.20
C ILE D 170 0.01 -10.94 37.50
N ALA D 171 -0.37 -10.21 38.56
CA ALA D 171 0.38 -9.03 38.97
C ALA D 171 1.85 -9.37 39.23
N ARG D 172 2.06 -10.45 39.97
CA ARG D 172 3.40 -10.98 40.22
C ARG D 172 4.24 -11.00 38.93
N ARG D 173 3.65 -11.52 37.86
CA ARG D 173 4.34 -11.61 36.57
C ARG D 173 4.46 -10.26 35.88
N LEU D 174 3.45 -9.40 36.03
CA LEU D 174 3.47 -8.10 35.38
C LEU D 174 4.37 -7.10 36.09
N LYS D 175 4.63 -7.31 37.38
CA LYS D 175 5.35 -6.34 38.18
C LYS D 175 6.64 -5.82 37.51
N PRO D 176 7.54 -6.75 37.08
CA PRO D 176 8.82 -6.31 36.52
C PRO D 176 8.75 -5.69 35.12
N PHE D 177 7.55 -5.55 34.58
CA PHE D 177 7.37 -4.95 33.25
C PHE D 177 7.32 -3.41 33.28
N GLY D 178 7.64 -2.82 34.44
CA GLY D 178 7.62 -1.39 34.61
C GLY D 178 6.25 -0.81 34.90
N VAL D 179 5.35 -1.64 35.42
CA VAL D 179 4.02 -1.21 35.85
C VAL D 179 4.14 -0.34 37.10
N GLN D 180 3.64 0.89 37.05
CA GLN D 180 3.75 1.80 38.18
C GLN D 180 2.57 1.78 39.16
N ARG D 181 1.46 1.15 38.77
CA ARG D 181 0.24 1.19 39.59
C ARG D 181 -0.69 0.01 39.30
N PHE D 182 -1.00 -0.76 40.34
CA PHE D 182 -1.97 -1.85 40.24
C PHE D 182 -3.27 -1.44 40.93
N LEU D 183 -4.38 -1.65 40.24
CA LEU D 183 -5.70 -1.43 40.82
C LEU D 183 -6.49 -2.74 40.81
N TYR D 184 -7.29 -2.96 41.84
CA TYR D 184 -8.14 -4.15 41.89
C TYR D 184 -9.49 -3.89 42.54
N THR D 185 -10.47 -4.69 42.13
CA THR D 185 -11.84 -4.55 42.59
C THR D 185 -12.40 -5.96 42.82
N GLY D 186 -13.49 -6.06 43.58
CA GLY D 186 -14.12 -7.34 43.88
C GLY D 186 -15.14 -7.25 45.00
N ARG D 187 -15.73 -8.40 45.35
CA ARG D 187 -16.71 -8.49 46.42
C ARG D 187 -16.11 -8.07 47.76
N GLN D 188 -15.02 -8.72 48.14
CA GLN D 188 -14.34 -8.41 49.38
C GLN D 188 -12.89 -7.97 49.13
N PRO D 189 -12.44 -6.92 49.83
CA PRO D 189 -11.07 -6.41 49.67
C PRO D 189 -10.03 -7.30 50.33
N ARG D 190 -8.95 -7.60 49.61
CA ARG D 190 -7.87 -8.45 50.14
C ARG D 190 -6.66 -7.58 50.55
N PRO D 191 -6.37 -7.50 51.85
CA PRO D 191 -5.37 -6.55 52.32
C PRO D 191 -3.91 -7.03 52.15
N GLU D 192 -3.61 -8.20 52.70
CA GLU D 192 -2.23 -8.69 52.79
C GLU D 192 -1.65 -9.16 51.45
N GLU D 193 -2.47 -9.78 50.62
CA GLU D 193 -2.02 -10.28 49.31
C GLU D 193 -1.89 -9.15 48.28
N ALA D 194 -2.39 -7.96 48.62
CA ALA D 194 -2.30 -6.79 47.75
C ALA D 194 -1.04 -5.98 47.98
N ALA D 195 -0.44 -6.13 49.16
CA ALA D 195 0.72 -5.32 49.56
C ALA D 195 1.98 -5.66 48.77
N GLU D 196 2.05 -6.89 48.23
CA GLU D 196 3.18 -7.35 47.43
C GLU D 196 3.36 -6.51 46.15
N PHE D 197 2.24 -6.04 45.59
CA PHE D 197 2.26 -5.22 44.38
C PHE D 197 1.78 -3.80 44.66
N GLN D 198 1.43 -3.53 45.92
CA GLN D 198 0.81 -2.27 46.32
C GLN D 198 -0.49 -2.01 45.55
N ALA D 199 -1.30 -3.05 45.41
CA ALA D 199 -2.55 -2.96 44.69
C ALA D 199 -3.61 -2.22 45.51
N GLU D 200 -4.11 -1.12 44.93
CA GLU D 200 -5.17 -0.33 45.55
C GLU D 200 -6.55 -0.88 45.20
N PHE D 201 -7.43 -0.93 46.20
CA PHE D 201 -8.81 -1.39 46.05
C PHE D 201 -9.68 -0.20 45.65
N VAL D 202 -10.33 -0.31 44.50
CA VAL D 202 -11.13 0.79 43.95
C VAL D 202 -12.53 0.37 43.47
N SER D 203 -13.37 1.36 43.19
CA SER D 203 -14.69 1.12 42.59
C SER D 203 -14.53 0.68 41.14
N THR D 204 -15.52 -0.06 40.64
CA THR D 204 -15.52 -0.55 39.25
C THR D 204 -15.39 0.58 38.21
N PRO D 205 -16.18 1.67 38.34
CA PRO D 205 -15.95 2.83 37.48
C PRO D 205 -14.50 3.34 37.51
N GLU D 206 -13.94 3.52 38.71
CA GLU D 206 -12.55 4.01 38.88
C GLU D 206 -11.52 3.11 38.17
N LEU D 207 -11.70 1.80 38.27
CA LEU D 207 -10.79 0.83 37.64
C LEU D 207 -10.86 0.93 36.12
N ALA D 208 -12.07 1.10 35.60
CA ALA D 208 -12.27 1.28 34.17
C ALA D 208 -11.73 2.63 33.69
N ALA D 209 -11.83 3.65 34.54
CA ALA D 209 -11.40 4.99 34.19
C ALA D 209 -9.88 5.16 34.16
N GLN D 210 -9.18 4.47 35.07
CA GLN D 210 -7.74 4.69 35.27
C GLN D 210 -6.84 3.69 34.55
N SER D 211 -7.32 2.45 34.40
CA SER D 211 -6.46 1.39 33.93
C SER D 211 -6.14 1.53 32.45
N ASP D 212 -4.92 1.16 32.09
CA ASP D 212 -4.51 1.03 30.68
C ASP D 212 -4.73 -0.41 30.21
N PHE D 213 -4.61 -1.36 31.14
CA PHE D 213 -4.91 -2.75 30.85
C PHE D 213 -5.84 -3.28 31.93
N ILE D 214 -6.82 -4.08 31.50
CA ILE D 214 -7.78 -4.66 32.41
C ILE D 214 -7.83 -6.18 32.23
N VAL D 215 -7.69 -6.91 33.33
CA VAL D 215 -7.66 -8.35 33.30
C VAL D 215 -8.70 -8.88 34.27
N VAL D 216 -9.69 -9.60 33.74
CA VAL D 216 -10.66 -10.29 34.59
C VAL D 216 -10.15 -11.69 34.89
N ALA D 217 -9.83 -11.93 36.16
CA ALA D 217 -9.29 -13.20 36.62
C ALA D 217 -10.28 -13.95 37.53
N CYS D 218 -11.48 -13.39 37.66
CA CYS D 218 -12.59 -13.99 38.42
C CYS D 218 -12.60 -15.52 38.39
N GLY D 226 -23.94 -9.90 33.11
CA GLY D 226 -22.54 -9.75 32.74
C GLY D 226 -22.03 -8.33 32.98
N LEU D 227 -21.19 -8.19 34.00
CA LEU D 227 -20.58 -6.91 34.37
C LEU D 227 -19.93 -6.12 33.22
N CYS D 228 -19.13 -6.81 32.38
CA CYS D 228 -18.36 -6.13 31.33
C CYS D 228 -19.20 -5.89 30.08
N ASN D 229 -19.98 -4.81 30.12
CA ASN D 229 -20.92 -4.45 29.08
C ASN D 229 -20.67 -3.03 28.58
N LYS D 230 -21.61 -2.52 27.78
CA LYS D 230 -21.53 -1.16 27.20
C LYS D 230 -21.12 -0.08 28.20
N ASP D 231 -21.71 -0.10 29.39
CA ASP D 231 -21.41 0.90 30.42
C ASP D 231 -19.94 0.85 30.83
N PHE D 232 -19.41 -0.36 30.97
CA PHE D 232 -18.03 -0.59 31.37
C PHE D 232 -17.06 -0.16 30.26
N PHE D 233 -17.41 -0.49 29.01
CA PHE D 233 -16.54 -0.18 27.87
C PHE D 233 -16.49 1.31 27.54
N GLN D 234 -17.58 2.02 27.81
CA GLN D 234 -17.61 3.47 27.64
C GLN D 234 -16.67 4.16 28.61
N LYS D 235 -16.63 3.66 29.85
CA LYS D 235 -15.79 4.26 30.88
C LYS D 235 -14.30 3.98 30.72
N MET D 236 -13.97 2.94 29.95
CA MET D 236 -12.56 2.60 29.66
C MET D 236 -11.86 3.64 28.77
N LYS D 237 -10.56 3.81 29.00
CA LYS D 237 -9.70 4.62 28.13
C LYS D 237 -9.82 4.15 26.69
N GLU D 238 -9.78 5.09 25.75
CA GLU D 238 -9.86 4.75 24.34
C GLU D 238 -8.60 4.00 23.85
N THR D 239 -7.53 4.07 24.65
CA THR D 239 -6.28 3.40 24.31
C THR D 239 -6.06 2.12 25.12
N ALA D 240 -7.06 1.75 25.92
CA ALA D 240 -6.96 0.60 26.82
C ALA D 240 -7.14 -0.77 26.15
N VAL D 241 -6.60 -1.80 26.80
CA VAL D 241 -6.70 -3.18 26.34
C VAL D 241 -7.46 -4.01 27.38
N PHE D 242 -8.37 -4.86 26.93
CA PHE D 242 -9.26 -5.62 27.83
C PHE D 242 -9.01 -7.13 27.71
N ILE D 243 -8.65 -7.76 28.82
CA ILE D 243 -8.35 -9.19 28.86
C ILE D 243 -9.33 -9.92 29.77
N ASN D 244 -9.82 -11.06 29.31
CA ASN D 244 -10.67 -11.93 30.11
C ASN D 244 -10.26 -13.39 29.98
N ILE D 245 -10.03 -14.02 31.13
CA ILE D 245 -9.68 -15.42 31.16
C ILE D 245 -10.66 -16.29 31.98
N SER D 246 -11.57 -15.62 32.69
CA SER D 246 -12.45 -16.28 33.66
C SER D 246 -13.56 -17.13 33.02
N ARG D 247 -14.78 -16.61 32.99
CA ARG D 247 -15.90 -17.21 32.27
C ARG D 247 -16.24 -16.32 31.08
N GLY D 248 -16.98 -16.87 30.13
CA GLY D 248 -17.45 -16.10 28.97
C GLY D 248 -18.60 -15.18 29.30
N ASP D 249 -19.44 -15.59 30.25
CA ASP D 249 -20.70 -14.88 30.52
C ASP D 249 -20.55 -13.57 31.32
N VAL D 250 -19.32 -13.21 31.68
CA VAL D 250 -19.07 -11.91 32.31
C VAL D 250 -18.94 -10.79 31.27
N VAL D 251 -18.63 -11.18 30.03
CA VAL D 251 -18.57 -10.27 28.90
C VAL D 251 -19.90 -10.27 28.13
N ASN D 252 -20.47 -9.08 27.91
CA ASN D 252 -21.55 -8.91 26.95
C ASN D 252 -20.93 -8.82 25.55
N GLN D 253 -21.04 -9.90 24.78
CA GLN D 253 -20.28 -10.03 23.53
C GLN D 253 -20.70 -9.08 22.40
N ASP D 254 -21.96 -8.65 22.40
CA ASP D 254 -22.41 -7.67 21.42
C ASP D 254 -21.82 -6.30 21.78
N ASP D 255 -21.87 -5.96 23.07
CA ASP D 255 -21.30 -4.73 23.56
C ASP D 255 -19.78 -4.67 23.32
N LEU D 256 -19.09 -5.81 23.51
CA LEU D 256 -17.66 -5.89 23.20
C LEU D 256 -17.38 -5.64 21.71
N TYR D 257 -18.19 -6.22 20.83
CA TYR D 257 -18.02 -6.01 19.40
C TYR D 257 -18.20 -4.52 19.05
N GLN D 258 -19.24 -3.90 19.59
CA GLN D 258 -19.55 -2.50 19.31
C GLN D 258 -18.45 -1.56 19.79
N ALA D 259 -17.86 -1.83 20.96
CA ALA D 259 -16.82 -0.97 21.50
C ALA D 259 -15.49 -1.11 20.74
N LEU D 260 -15.16 -2.34 20.35
CA LEU D 260 -13.95 -2.62 19.58
C LEU D 260 -14.05 -2.08 18.16
N ALA D 261 -15.25 -2.16 17.57
CA ALA D 261 -15.45 -1.72 16.19
C ALA D 261 -15.47 -0.20 16.04
N SER D 262 -15.86 0.50 17.11
CA SER D 262 -16.05 1.96 17.03
C SER D 262 -14.98 2.79 17.73
N GLY D 263 -14.05 2.15 18.43
CA GLY D 263 -12.92 2.84 19.05
C GLY D 263 -13.02 3.16 20.53
N LYS D 264 -14.10 2.73 21.19
CA LYS D 264 -14.29 2.93 22.63
C LYS D 264 -13.15 2.36 23.45
N ILE D 265 -12.59 1.24 22.97
CA ILE D 265 -11.38 0.66 23.54
C ILE D 265 -10.43 0.24 22.41
N ALA D 266 -9.14 0.08 22.72
CA ALA D 266 -8.13 -0.18 21.70
C ALA D 266 -8.16 -1.60 21.16
N ALA D 267 -8.19 -2.59 22.07
CA ALA D 267 -8.08 -4.01 21.71
C ALA D 267 -8.59 -4.92 22.83
N ALA D 268 -8.93 -6.15 22.48
CA ALA D 268 -9.38 -7.16 23.44
C ALA D 268 -8.75 -8.54 23.18
N GLY D 269 -8.47 -9.26 24.27
CA GLY D 269 -8.00 -10.65 24.21
C GLY D 269 -8.85 -11.55 25.08
N LEU D 270 -9.33 -12.64 24.49
CA LEU D 270 -10.24 -13.56 25.16
C LEU D 270 -9.77 -15.02 25.12
N ASP D 271 -9.61 -15.63 26.29
CA ASP D 271 -9.38 -17.07 26.39
C ASP D 271 -10.69 -17.82 26.60
N VAL D 272 -11.73 -17.10 27.01
CA VAL D 272 -13.07 -17.68 27.23
C VAL D 272 -14.15 -16.91 26.46
N THR D 273 -15.20 -17.61 26.04
CA THR D 273 -16.24 -17.03 25.19
C THR D 273 -17.61 -17.65 25.43
N SER D 274 -18.65 -16.99 24.91
CA SER D 274 -20.02 -17.48 24.96
C SER D 274 -20.58 -17.71 23.56
N PRO D 275 -20.83 -18.99 23.19
CA PRO D 275 -20.49 -20.17 23.99
C PRO D 275 -19.10 -20.67 23.66
N GLU D 276 -18.78 -21.89 24.09
CA GLU D 276 -17.49 -22.53 23.79
C GLU D 276 -17.74 -23.89 23.16
N PRO D 277 -17.26 -24.08 21.91
CA PRO D 277 -16.53 -23.15 21.07
C PRO D 277 -17.40 -22.03 20.48
N LEU D 278 -16.77 -20.96 20.01
CA LEU D 278 -17.45 -19.92 19.24
C LEU D 278 -17.60 -20.40 17.81
N PRO D 279 -18.82 -20.24 17.23
CA PRO D 279 -19.00 -20.54 15.80
C PRO D 279 -18.04 -19.71 14.93
N THR D 280 -17.46 -20.33 13.91
CA THR D 280 -16.40 -19.70 13.09
C THR D 280 -16.82 -18.38 12.46
N ASN D 281 -18.13 -18.17 12.35
CA ASN D 281 -18.68 -16.98 11.69
C ASN D 281 -19.13 -15.90 12.68
N HIS D 282 -18.58 -15.92 13.88
CA HIS D 282 -19.00 -14.99 14.91
C HIS D 282 -18.46 -13.59 14.65
N PRO D 283 -19.28 -12.55 14.94
CA PRO D 283 -18.86 -11.15 14.74
C PRO D 283 -17.48 -10.78 15.32
N LEU D 284 -17.15 -11.28 16.51
CA LEU D 284 -15.86 -10.98 17.15
C LEU D 284 -14.65 -11.47 16.33
N LEU D 285 -14.83 -12.58 15.61
CA LEU D 285 -13.77 -13.13 14.75
C LEU D 285 -13.53 -12.35 13.46
N THR D 286 -14.37 -11.35 13.18
CA THR D 286 -14.19 -10.53 11.97
C THR D 286 -13.46 -9.23 12.29
N LEU D 287 -13.00 -9.10 13.54
CA LEU D 287 -12.30 -7.92 13.99
C LEU D 287 -10.80 -8.18 14.17
N LYS D 288 -9.98 -7.23 13.77
CA LYS D 288 -8.52 -7.40 13.84
C LYS D 288 -7.93 -6.95 15.17
N ASN D 289 -8.69 -6.16 15.92
CA ASN D 289 -8.29 -5.78 17.27
C ASN D 289 -8.92 -6.66 18.35
N CYS D 290 -9.20 -7.92 18.01
CA CYS D 290 -9.76 -8.90 18.95
C CYS D 290 -9.17 -10.30 18.80
N VAL D 291 -8.29 -10.66 19.73
CA VAL D 291 -7.64 -11.97 19.76
C VAL D 291 -8.50 -12.97 20.54
N ILE D 292 -8.84 -14.08 19.91
CA ILE D 292 -9.58 -15.16 20.59
C ILE D 292 -8.80 -16.46 20.61
N LEU D 293 -8.68 -17.03 21.82
CA LEU D 293 -8.04 -18.31 22.05
C LEU D 293 -9.08 -19.36 22.46
N PRO D 294 -8.81 -20.65 22.21
CA PRO D 294 -9.78 -21.68 22.56
C PRO D 294 -9.60 -22.26 23.97
N HIS D 295 -9.68 -21.41 24.99
CA HIS D 295 -9.57 -21.84 26.39
C HIS D 295 -8.34 -22.74 26.61
N ILE D 296 -7.17 -22.13 26.46
CA ILE D 296 -5.90 -22.86 26.59
C ILE D 296 -5.16 -22.49 27.88
N GLY D 297 -5.84 -21.76 28.75
CA GLY D 297 -5.33 -21.35 30.06
C GLY D 297 -4.40 -22.33 30.72
N SER D 298 -4.76 -23.62 30.72
CA SER D 298 -3.97 -24.64 31.40
C SER D 298 -3.35 -25.67 30.46
N ALA D 299 -3.25 -25.33 29.17
CA ALA D 299 -2.78 -26.27 28.16
C ALA D 299 -1.24 -26.39 28.04
N THR D 300 -0.61 -26.97 29.07
CA THR D 300 0.80 -27.39 29.00
C THR D 300 0.94 -28.87 29.34
N HIS D 301 2.01 -29.49 28.88
CA HIS D 301 2.24 -30.90 29.16
C HIS D 301 2.27 -31.16 30.65
N ARG D 302 3.12 -30.44 31.37
CA ARG D 302 3.23 -30.58 32.83
C ARG D 302 1.88 -30.45 33.52
N THR D 303 1.14 -29.38 33.22
CA THR D 303 -0.13 -29.08 33.90
C THR D 303 -1.22 -30.12 33.61
N ARG D 304 -1.44 -30.41 32.32
CA ARG D 304 -2.48 -31.36 31.92
C ARG D 304 -2.23 -32.73 32.53
N ASN D 305 -0.96 -33.12 32.64
CA ASN D 305 -0.56 -34.37 33.31
C ASN D 305 -0.90 -34.35 34.79
N THR D 306 -0.50 -33.28 35.47
CA THR D 306 -0.74 -33.16 36.91
C THR D 306 -2.24 -33.13 37.21
N MET D 307 -3.00 -32.44 36.37
CA MET D 307 -4.46 -32.44 36.46
C MET D 307 -4.98 -33.87 36.35
N SER D 308 -4.54 -34.56 35.31
CA SER D 308 -4.87 -35.96 35.06
C SER D 308 -4.64 -36.83 36.29
N LEU D 309 -3.45 -36.70 36.89
CA LEU D 309 -3.04 -37.52 38.04
C LEU D 309 -3.79 -37.12 39.31
N LEU D 310 -4.02 -35.82 39.46
CA LEU D 310 -4.73 -35.30 40.62
C LEU D 310 -6.19 -35.73 40.56
N ALA D 311 -6.76 -35.73 39.36
CA ALA D 311 -8.11 -36.26 39.12
C ALA D 311 -8.18 -37.78 39.36
N ALA D 312 -7.09 -38.48 39.01
CA ALA D 312 -7.04 -39.93 39.18
C ALA D 312 -6.98 -40.30 40.66
N ASN D 313 -6.10 -39.62 41.40
CA ASN D 313 -5.95 -39.87 42.82
C ASN D 313 -7.18 -39.51 43.66
N ASN D 314 -7.87 -38.44 43.27
CA ASN D 314 -9.15 -38.08 43.88
C ASN D 314 -10.17 -39.20 43.73
N LEU D 315 -10.33 -39.70 42.50
CA LEU D 315 -11.25 -40.79 42.20
C LEU D 315 -10.96 -42.03 43.05
N LEU D 316 -9.69 -42.44 43.10
CA LEU D 316 -9.29 -43.63 43.83
C LEU D 316 -9.52 -43.46 45.32
N ALA D 317 -9.10 -42.32 45.86
CA ALA D 317 -9.27 -42.02 47.28
C ALA D 317 -10.73 -42.13 47.72
N GLY D 318 -11.64 -41.68 46.85
CA GLY D 318 -13.07 -41.75 47.12
C GLY D 318 -13.66 -43.13 47.02
N LEU D 319 -13.24 -43.88 45.99
CA LEU D 319 -13.76 -45.22 45.72
C LEU D 319 -13.30 -46.22 46.79
N ARG D 320 -12.28 -45.83 47.54
CA ARG D 320 -11.74 -46.65 48.62
C ARG D 320 -12.28 -46.24 49.99
N GLY D 321 -12.27 -44.95 50.27
CA GLY D 321 -12.80 -44.42 51.53
C GLY D 321 -11.91 -43.37 52.17
N GLU D 322 -10.74 -43.16 51.60
CA GLU D 322 -9.74 -42.24 52.13
C GLU D 322 -10.11 -40.77 51.90
N PRO D 323 -9.45 -39.83 52.62
CA PRO D 323 -9.59 -38.41 52.29
C PRO D 323 -8.87 -38.09 50.96
N MET D 324 -9.12 -36.90 50.41
CA MET D 324 -8.64 -36.56 49.08
C MET D 324 -7.65 -35.39 49.07
N PRO D 325 -6.73 -35.36 48.08
CA PRO D 325 -5.83 -34.21 47.93
C PRO D 325 -6.57 -32.90 47.62
N SER D 326 -7.65 -33.00 46.85
CA SER D 326 -8.50 -31.84 46.51
C SER D 326 -9.98 -32.23 46.41
N GLU D 327 -10.74 -31.87 47.44
CA GLU D 327 -12.17 -32.16 47.50
C GLU D 327 -12.97 -30.87 47.69
#